data_6YKL
#
_entry.id   6YKL
#
_cell.length_a   49.402
_cell.length_b   81.298
_cell.length_c   225.228
_cell.angle_alpha   90.000
_cell.angle_beta   90.000
_cell.angle_gamma   90.000
#
_symmetry.space_group_name_H-M   'P 21 21 21'
#
loop_
_entity.id
_entity.type
_entity.pdbx_description
1 polymer 'Leucine--tRNA ligase'
2 non-polymer '[(2~{R},3~{S},4~{S},5~{R})-3,4-bis(oxidanyl)-5-[3-(4-phenyl-1,2,3-triazol-1-yl)propyl]oxan-2-yl]methyl ~{N}-[(2~{S})-2-azanyl-4-methyl-pentanoyl]sulfamate'
3 non-polymer 1,2-ETHANEDIOL
4 non-polymer 'MAGNESIUM ION'
5 non-polymer 'ZINC ION'
6 water water
#
_entity_poly.entity_id   1
_entity_poly.type   'polypeptide(L)'
_entity_poly.pdbx_seq_one_letter_code
;GMQEHYQPAAIEPAAQKKWDDARISNVSEDASKPKYYCLSMFPYPSGKLHMGHVRNYTIGDVLSRFKLLNGFNVMQPMGW
DAFGMPAENAAMKNNVAPAAWTYDNIEYMKTQLKSLGFAVDWEREVATCKPEYYRWEQWLFTKLFEKGIVYRKNGTVNWD
PVDQTVLANEQVIDGRGWRSGALIEKREIPMYYFKITDYAEELLNDLDKLEHWPEQVKTMQRNWIGKSRGMTVRFAVSDD
SKQGLEGDYAKFLQVYTTRPDTLMGATYVAVAAEHPLATAAAADKPELQAFIAECKAGSVAEADMATMEKKGVPTGRYVV
NPLNGDKLEVWIANYVLWGYGDGAVMAVPAHDERDFEFAAKYNLPKKQVIAVGDNAFDANRWQEWYGDKENGVLVNSGDL
DGLDFQTAFDAVAAKLQSQGAGEPKTQYRLRDWGISRQRYWGCPIPIVHCEKCGNVPVPADQLPVVLPENVVPDGMGSPL
AKMPEFYETSCPCCGGAAKRETDTMDTFIESSWYFFRYMSPKFSDGMVSAESAKYWGAVDQYIGGIEHAILHLLYARFFT
KLMRDEGLVNVDEPFERLLTQGMVVCETYYRENDKGGKDWINPADVELTFDDKGRPVSAVLKADGLPVVISGTEKMSKSK
NNGVDPQELINAYGADTARLFMMFAAPPEQSLEWSDSGVEGAHRFLRRLWRTVYEYLKQGGAVKAFAGNQDGLSKELKDL
RHKLHSTTAKVSDDYGRRQQFNTAIAAVMELLNQYDKTDTGSEQGRAVAQEVLEAAVRLLWPIVPHICETLWSELNGAKL
WEAGWPTVDEAALVKSEIEVMVQVNGKLRGKITVAADASKADLEAAALANEGAVKFMEGKPAKKIIVVPGRLVNIVV
;
_entity_poly.pdbx_strand_id   A
#
loop_
_chem_comp.id
_chem_comp.type
_chem_comp.name
_chem_comp.formula
EDO non-polymer 1,2-ETHANEDIOL 'C2 H6 O2'
MG non-polymer 'MAGNESIUM ION' 'Mg 2'
OVH non-polymer '[(2~{R},3~{S},4~{S},5~{R})-3,4-bis(oxidanyl)-5-[3-(4-phenyl-1,2,3-triazol-1-yl)propyl]oxan-2-yl]methyl ~{N}-[(2~{S})-2-azanyl-4-methyl-pentanoyl]sulfamate' 'C23 H35 N5 O7 S'
ZN non-polymer 'ZINC ION' 'Zn 2'
#
# COMPACT_ATOMS: atom_id res chain seq x y z
N MET A 2 -17.58 -41.12 -7.43
CA MET A 2 -16.96 -40.22 -6.44
C MET A 2 -16.23 -41.02 -5.35
N GLN A 3 -14.93 -40.74 -5.20
CA GLN A 3 -14.13 -41.37 -4.17
C GLN A 3 -14.58 -40.92 -2.78
N GLU A 4 -14.51 -41.84 -1.81
CA GLU A 4 -15.05 -41.58 -0.48
C GLU A 4 -14.28 -40.50 0.26
N HIS A 5 -12.95 -40.55 0.22
CA HIS A 5 -12.14 -39.66 1.03
C HIS A 5 -11.55 -38.55 0.17
N TYR A 6 -11.39 -37.38 0.79
CA TYR A 6 -10.94 -36.18 0.09
C TYR A 6 -9.42 -36.24 -0.07
N GLN A 7 -8.95 -36.21 -1.32
CA GLN A 7 -7.52 -36.26 -1.62
C GLN A 7 -7.15 -35.11 -2.53
N PRO A 8 -6.61 -34.01 -1.98
CA PRO A 8 -6.32 -32.84 -2.82
C PRO A 8 -5.30 -33.14 -3.90
N ALA A 9 -4.34 -34.03 -3.63
CA ALA A 9 -3.32 -34.32 -4.62
C ALA A 9 -3.91 -34.92 -5.89
N ALA A 10 -5.07 -35.55 -5.80
CA ALA A 10 -5.71 -36.11 -6.99
C ALA A 10 -6.54 -35.08 -7.73
N ILE A 11 -7.27 -34.22 -7.00
CA ILE A 11 -8.27 -33.38 -7.64
C ILE A 11 -7.74 -32.01 -8.05
N GLU A 12 -6.71 -31.50 -7.38
CA GLU A 12 -6.26 -30.14 -7.69
C GLU A 12 -5.59 -30.05 -9.05
N PRO A 13 -4.69 -30.96 -9.43
CA PRO A 13 -4.14 -30.88 -10.80
C PRO A 13 -5.20 -31.03 -11.87
N ALA A 14 -6.18 -31.92 -11.65
CA ALA A 14 -7.24 -32.10 -12.63
C ALA A 14 -8.06 -30.84 -12.81
N ALA A 15 -8.41 -30.16 -11.70
CA ALA A 15 -9.19 -28.94 -11.81
C ALA A 15 -8.42 -27.85 -12.54
N GLN A 16 -7.13 -27.73 -12.25
CA GLN A 16 -6.33 -26.72 -12.94
C GLN A 16 -6.24 -27.03 -14.43
N LYS A 17 -6.08 -28.31 -14.79
CA LYS A 17 -6.09 -28.70 -16.20
C LYS A 17 -7.42 -28.36 -16.85
N LYS A 18 -8.53 -28.54 -16.13
CA LYS A 18 -9.83 -28.23 -16.70
C LYS A 18 -10.02 -26.73 -16.89
N TRP A 19 -9.49 -25.92 -15.95
CA TRP A 19 -9.60 -24.47 -16.11
C TRP A 19 -8.72 -23.97 -17.25
N ASP A 20 -7.51 -24.52 -17.37
CA ASP A 20 -6.60 -24.10 -18.43
C ASP A 20 -7.17 -24.46 -19.80
N ASP A 21 -7.69 -25.68 -19.95
CA ASP A 21 -8.24 -26.11 -21.23
C ASP A 21 -9.46 -25.28 -21.64
N ALA A 22 -10.27 -24.86 -20.68
CA ALA A 22 -11.37 -23.96 -20.99
C ALA A 22 -10.93 -22.52 -21.19
N ARG A 23 -9.66 -22.20 -20.88
CA ARG A 23 -9.09 -20.86 -21.05
C ARG A 23 -9.94 -19.79 -20.38
N ILE A 24 -10.48 -20.11 -19.19
CA ILE A 24 -11.40 -19.20 -18.53
C ILE A 24 -10.72 -17.92 -18.08
N SER A 25 -9.39 -17.93 -17.90
CA SER A 25 -8.66 -16.77 -17.43
C SER A 25 -7.95 -16.00 -18.53
N ASN A 26 -7.89 -16.55 -19.74
CA ASN A 26 -7.22 -15.91 -20.88
C ASN A 26 -8.24 -15.04 -21.59
N VAL A 27 -8.36 -13.79 -21.13
CA VAL A 27 -9.41 -12.90 -21.58
C VAL A 27 -8.87 -11.96 -22.64
N SER A 28 -9.77 -11.41 -23.45
CA SER A 28 -9.46 -10.45 -24.50
C SER A 28 -10.38 -9.24 -24.36
N GLU A 29 -10.24 -8.29 -25.29
CA GLU A 29 -11.02 -7.06 -25.26
C GLU A 29 -12.41 -7.30 -25.86
N ASP A 30 -13.12 -8.25 -25.26
CA ASP A 30 -14.45 -8.65 -25.70
C ASP A 30 -15.46 -7.65 -25.14
N ALA A 31 -15.89 -6.71 -25.99
CA ALA A 31 -16.83 -5.65 -25.59
C ALA A 31 -18.26 -6.15 -25.43
N SER A 32 -18.47 -7.47 -25.36
CA SER A 32 -19.78 -8.05 -25.11
C SER A 32 -20.04 -8.25 -23.63
N LYS A 33 -19.07 -8.82 -22.92
CA LYS A 33 -19.16 -8.98 -21.47
C LYS A 33 -18.54 -7.77 -20.77
N PRO A 34 -19.13 -7.34 -19.65
CA PRO A 34 -18.60 -6.18 -18.94
C PRO A 34 -17.26 -6.47 -18.29
N LYS A 35 -16.33 -5.54 -18.42
CA LYS A 35 -14.96 -5.80 -18.01
C LYS A 35 -14.79 -5.61 -16.50
N TYR A 36 -13.87 -6.40 -15.94
CA TYR A 36 -13.45 -6.22 -14.57
C TYR A 36 -11.96 -6.52 -14.47
N TYR A 37 -11.21 -5.56 -13.94
CA TYR A 37 -9.75 -5.61 -13.85
C TYR A 37 -9.40 -5.68 -12.36
N CYS A 38 -9.05 -6.88 -11.90
CA CYS A 38 -8.64 -7.12 -10.52
C CYS A 38 -7.13 -7.35 -10.51
N LEU A 39 -6.39 -6.53 -9.76
CA LEU A 39 -4.94 -6.55 -9.79
C LEU A 39 -4.37 -6.66 -8.39
N SER A 40 -3.48 -7.63 -8.20
CA SER A 40 -2.65 -7.72 -7.01
C SER A 40 -1.25 -7.24 -7.34
N MET A 41 -0.59 -6.62 -6.34
CA MET A 41 0.76 -6.11 -6.54
C MET A 41 1.71 -7.23 -6.93
N PHE A 42 2.37 -7.10 -8.10
CA PHE A 42 3.22 -8.18 -8.57
C PHE A 42 4.50 -8.29 -7.74
N PRO A 43 5.06 -9.49 -7.62
CA PRO A 43 6.14 -9.70 -6.66
C PRO A 43 7.53 -9.50 -7.25
N TYR A 44 8.49 -9.34 -6.33
CA TYR A 44 9.89 -9.46 -6.71
C TYR A 44 10.21 -10.95 -6.88
N PRO A 45 10.89 -11.33 -7.93
CA PRO A 45 11.30 -12.76 -8.07
C PRO A 45 12.46 -13.11 -7.15
N SER A 46 12.20 -13.13 -5.84
CA SER A 46 13.25 -13.35 -4.85
C SER A 46 13.72 -14.79 -4.77
N GLY A 47 12.91 -15.74 -5.21
CA GLY A 47 13.29 -17.14 -5.20
C GLY A 47 12.11 -18.07 -4.97
N LYS A 48 11.40 -17.86 -3.87
CA LYS A 48 10.22 -18.67 -3.54
C LYS A 48 9.09 -17.75 -3.10
N LEU A 49 7.87 -18.26 -3.16
CA LEU A 49 6.75 -17.59 -2.52
C LEU A 49 6.89 -17.65 -1.01
N HIS A 50 6.45 -16.58 -0.35
CA HIS A 50 6.26 -16.58 1.10
C HIS A 50 4.78 -16.37 1.40
N MET A 51 4.41 -16.43 2.68
CA MET A 51 2.99 -16.46 3.03
C MET A 51 2.32 -15.12 2.80
N GLY A 52 3.09 -14.03 2.87
CA GLY A 52 2.58 -12.75 2.43
C GLY A 52 2.12 -12.79 0.98
N HIS A 53 2.92 -13.42 0.10
CA HIS A 53 2.48 -13.61 -1.29
C HIS A 53 1.18 -14.40 -1.35
N VAL A 54 1.11 -15.52 -0.65
CA VAL A 54 -0.04 -16.41 -0.78
C VAL A 54 -1.30 -15.70 -0.30
N ARG A 55 -1.21 -14.96 0.79
CA ARG A 55 -2.36 -14.21 1.28
C ARG A 55 -2.83 -13.18 0.25
N ASN A 56 -1.90 -12.42 -0.31
CA ASN A 56 -2.26 -11.39 -1.27
C ASN A 56 -2.97 -11.99 -2.48
N TYR A 57 -2.37 -13.00 -3.09
CA TYR A 57 -2.91 -13.52 -4.35
C TYR A 57 -4.11 -14.43 -4.13
N THR A 58 -4.31 -14.93 -2.92
CA THR A 58 -5.60 -15.56 -2.61
C THR A 58 -6.71 -14.52 -2.51
N ILE A 59 -6.44 -13.40 -1.82
CA ILE A 59 -7.43 -12.32 -1.74
C ILE A 59 -7.80 -11.85 -3.14
N GLY A 60 -6.79 -11.64 -3.99
CA GLY A 60 -7.05 -11.20 -5.34
C GLY A 60 -7.84 -12.21 -6.14
N ASP A 61 -7.62 -13.50 -5.90
CA ASP A 61 -8.30 -14.55 -6.65
C ASP A 61 -9.74 -14.76 -6.16
N VAL A 62 -9.97 -14.61 -4.86
CA VAL A 62 -11.33 -14.68 -4.33
C VAL A 62 -12.21 -13.63 -5.02
N LEU A 63 -11.73 -12.39 -5.08
CA LEU A 63 -12.47 -11.32 -5.69
C LEU A 63 -12.65 -11.54 -7.19
N SER A 64 -11.60 -12.02 -7.85
CA SER A 64 -11.69 -12.28 -9.28
C SER A 64 -12.69 -13.38 -9.59
N ARG A 65 -12.60 -14.51 -8.90
CA ARG A 65 -13.53 -15.60 -9.17
C ARG A 65 -14.96 -15.20 -8.83
N PHE A 66 -15.15 -14.43 -7.76
CA PHE A 66 -16.48 -13.90 -7.46
C PHE A 66 -17.04 -13.13 -8.64
N LYS A 67 -16.26 -12.19 -9.19
CA LYS A 67 -16.75 -11.40 -10.33
C LYS A 67 -16.91 -12.24 -11.57
N LEU A 68 -16.02 -13.22 -11.78
CA LEU A 68 -16.19 -14.15 -12.88
C LEU A 68 -17.53 -14.87 -12.79
N LEU A 69 -17.86 -15.41 -11.62
CA LEU A 69 -19.14 -16.09 -11.43
C LEU A 69 -20.33 -15.16 -11.61
N ASN A 70 -20.12 -13.86 -11.56
CA ASN A 70 -21.21 -12.92 -11.77
C ASN A 70 -21.29 -12.43 -13.21
N GLY A 71 -20.51 -13.03 -14.11
CA GLY A 71 -20.64 -12.73 -15.52
C GLY A 71 -19.74 -11.63 -16.03
N PHE A 72 -18.68 -11.28 -15.31
CA PHE A 72 -17.76 -10.24 -15.72
C PHE A 72 -16.63 -10.83 -16.59
N ASN A 73 -16.08 -9.99 -17.46
CA ASN A 73 -14.90 -10.37 -18.25
C ASN A 73 -13.69 -9.94 -17.41
N VAL A 74 -13.14 -10.90 -16.66
CA VAL A 74 -12.18 -10.60 -15.58
C VAL A 74 -10.76 -10.75 -16.09
N MET A 75 -9.97 -9.69 -15.94
CA MET A 75 -8.53 -9.78 -16.13
C MET A 75 -7.87 -9.78 -14.75
N GLN A 76 -7.13 -10.85 -14.45
CA GLN A 76 -6.29 -10.95 -13.27
C GLN A 76 -4.89 -11.30 -13.76
N PRO A 77 -4.08 -10.31 -14.10
CA PRO A 77 -2.73 -10.57 -14.62
C PRO A 77 -1.68 -10.64 -13.52
N MET A 78 -0.58 -11.35 -13.82
CA MET A 78 0.55 -11.48 -12.91
C MET A 78 1.85 -11.31 -13.69
N GLY A 79 2.88 -10.89 -12.98
CA GLY A 79 4.16 -10.61 -13.60
C GLY A 79 5.22 -10.44 -12.54
N TRP A 80 6.39 -9.96 -12.97
CA TRP A 80 7.56 -9.98 -12.10
C TRP A 80 8.21 -8.62 -12.03
N ASP A 81 8.36 -8.11 -10.81
CA ASP A 81 9.07 -6.87 -10.52
C ASP A 81 10.55 -7.22 -10.30
N ALA A 82 11.28 -7.27 -11.41
CA ALA A 82 12.49 -8.09 -11.47
C ALA A 82 13.78 -7.33 -11.18
N PHE A 83 13.84 -6.03 -11.44
CA PHE A 83 15.02 -5.25 -11.14
C PHE A 83 15.12 -4.98 -9.64
N GLY A 84 16.33 -4.67 -9.19
CA GLY A 84 16.52 -4.35 -7.79
C GLY A 84 17.76 -4.99 -7.20
N MET A 85 18.06 -4.62 -5.96
CA MET A 85 19.27 -5.01 -5.26
C MET A 85 19.34 -6.50 -4.90
N PRO A 86 18.24 -7.16 -4.50
CA PRO A 86 18.32 -8.59 -4.18
C PRO A 86 19.09 -9.42 -5.21
N ALA A 87 18.84 -9.23 -6.50
CA ALA A 87 19.57 -10.00 -7.51
C ALA A 87 21.04 -9.65 -7.53
N GLU A 88 21.39 -8.39 -7.28
CA GLU A 88 22.80 -8.00 -7.28
C GLU A 88 23.55 -8.59 -6.10
N ASN A 89 22.94 -8.56 -4.91
CA ASN A 89 23.59 -9.17 -3.75
C ASN A 89 23.67 -10.69 -3.90
N ALA A 90 22.57 -11.32 -4.32
CA ALA A 90 22.60 -12.75 -4.61
C ALA A 90 23.64 -13.08 -5.68
N ALA A 91 23.88 -12.14 -6.61
CA ALA A 91 24.94 -12.32 -7.60
C ALA A 91 26.31 -12.30 -6.95
N MET A 92 26.54 -11.36 -6.02
CA MET A 92 27.84 -11.29 -5.36
C MET A 92 28.09 -12.52 -4.50
N LYS A 93 27.08 -12.98 -3.77
CA LYS A 93 27.28 -14.10 -2.86
C LYS A 93 27.50 -15.40 -3.62
N ASN A 94 26.76 -15.62 -4.71
CA ASN A 94 26.78 -16.91 -5.41
C ASN A 94 27.57 -16.90 -6.71
N ASN A 95 28.15 -15.77 -7.11
CA ASN A 95 28.93 -15.66 -8.34
C ASN A 95 28.09 -16.05 -9.57
N VAL A 96 26.85 -15.57 -9.61
CA VAL A 96 25.92 -15.83 -10.70
C VAL A 96 25.49 -14.48 -11.27
N ALA A 97 25.07 -14.49 -12.53
CA ALA A 97 24.55 -13.27 -13.13
C ALA A 97 23.18 -12.94 -12.55
N PRO A 98 22.90 -11.67 -12.24
CA PRO A 98 21.58 -11.32 -11.69
C PRO A 98 20.44 -11.71 -12.61
N ALA A 99 20.64 -11.64 -13.93
CA ALA A 99 19.59 -12.05 -14.87
C ALA A 99 19.32 -13.55 -14.76
N ALA A 100 20.36 -14.37 -14.80
CA ALA A 100 20.17 -15.81 -14.68
C ALA A 100 19.53 -16.17 -13.36
N TRP A 101 20.00 -15.57 -12.27
CA TRP A 101 19.38 -15.79 -10.97
C TRP A 101 17.91 -15.38 -10.99
N THR A 102 17.57 -14.31 -11.71
CA THR A 102 16.21 -13.80 -11.75
C THR A 102 15.28 -14.74 -12.51
N TYR A 103 15.68 -15.11 -13.74
CA TYR A 103 14.85 -15.98 -14.56
C TYR A 103 14.64 -17.35 -13.92
N ASP A 104 15.63 -17.86 -13.19
CA ASP A 104 15.41 -19.10 -12.45
C ASP A 104 14.31 -18.92 -11.41
N ASN A 105 14.35 -17.81 -10.66
CA ASN A 105 13.34 -17.60 -9.63
C ASN A 105 11.96 -17.45 -10.24
N ILE A 106 11.87 -16.76 -11.39
CA ILE A 106 10.59 -16.54 -12.05
C ILE A 106 9.95 -17.88 -12.43
N GLU A 107 10.76 -18.80 -12.95
CA GLU A 107 10.22 -20.10 -13.35
C GLU A 107 9.74 -20.89 -12.13
N TYR A 108 10.52 -20.92 -11.05
CA TYR A 108 10.09 -21.65 -9.86
C TYR A 108 8.83 -21.05 -9.26
N MET A 109 8.81 -19.72 -9.07
CA MET A 109 7.65 -19.08 -8.45
C MET A 109 6.41 -19.17 -9.34
N LYS A 110 6.60 -19.09 -10.66
CA LYS A 110 5.46 -19.26 -11.58
C LYS A 110 4.77 -20.61 -11.36
N THR A 111 5.56 -21.70 -11.24
CA THR A 111 4.94 -23.01 -11.02
C THR A 111 4.25 -23.07 -9.66
N GLN A 112 4.80 -22.39 -8.66
CA GLN A 112 4.15 -22.31 -7.34
C GLN A 112 2.80 -21.60 -7.45
N LEU A 113 2.77 -20.44 -8.11
CA LEU A 113 1.49 -19.75 -8.28
C LEU A 113 0.50 -20.61 -9.05
N LYS A 114 0.98 -21.36 -10.04
CA LYS A 114 0.09 -22.23 -10.81
C LYS A 114 -0.46 -23.36 -9.95
N SER A 115 0.37 -23.90 -9.05
CA SER A 115 -0.10 -25.00 -8.21
C SER A 115 -1.10 -24.52 -7.16
N LEU A 116 -1.17 -23.21 -6.90
CA LEU A 116 -2.13 -22.67 -5.96
C LEU A 116 -3.51 -22.45 -6.57
N GLY A 117 -3.62 -22.50 -7.89
CA GLY A 117 -4.92 -22.41 -8.53
C GLY A 117 -5.45 -21.01 -8.76
N PHE A 118 -4.56 -20.01 -8.84
CA PHE A 118 -5.01 -18.66 -9.11
C PHE A 118 -5.45 -18.55 -10.57
N ALA A 119 -6.64 -17.98 -10.80
CA ALA A 119 -7.20 -17.80 -12.13
C ALA A 119 -6.50 -16.64 -12.85
N VAL A 120 -5.24 -16.88 -13.24
CA VAL A 120 -4.35 -15.83 -13.75
C VAL A 120 -4.26 -15.91 -15.27
N ASP A 121 -4.27 -14.75 -15.95
CA ASP A 121 -4.07 -14.71 -17.40
C ASP A 121 -2.58 -14.73 -17.68
N TRP A 122 -2.02 -15.92 -17.79
CA TRP A 122 -0.58 -16.04 -17.96
C TRP A 122 -0.13 -15.61 -19.35
N GLU A 123 -1.04 -15.50 -20.31
CA GLU A 123 -0.70 -14.94 -21.61
C GLU A 123 -0.36 -13.45 -21.54
N ARG A 124 -0.72 -12.78 -20.44
CA ARG A 124 -0.40 -11.36 -20.24
C ARG A 124 0.79 -11.16 -19.31
N GLU A 125 1.57 -12.21 -19.06
CA GLU A 125 2.71 -12.13 -18.16
C GLU A 125 3.77 -11.16 -18.67
N VAL A 126 4.39 -10.43 -17.75
CA VAL A 126 5.48 -9.52 -18.08
C VAL A 126 6.60 -9.71 -17.07
N ALA A 127 7.83 -9.45 -17.52
CA ALA A 127 9.00 -9.42 -16.65
C ALA A 127 9.70 -8.09 -16.90
N THR A 128 9.77 -7.25 -15.86
CA THR A 128 10.21 -5.87 -16.08
C THR A 128 11.68 -5.78 -16.42
N CYS A 129 12.47 -6.83 -16.15
CA CYS A 129 13.88 -6.80 -16.54
C CYS A 129 14.09 -7.14 -18.01
N LYS A 130 13.02 -7.37 -18.77
CA LYS A 130 13.19 -7.69 -20.19
C LYS A 130 13.22 -6.42 -21.03
N PRO A 131 14.06 -6.36 -22.05
CA PRO A 131 14.11 -5.15 -22.90
C PRO A 131 12.76 -4.76 -23.49
N GLU A 132 11.90 -5.74 -23.80
CA GLU A 132 10.58 -5.47 -24.36
C GLU A 132 9.65 -4.79 -23.37
N TYR A 133 9.98 -4.83 -22.08
CA TYR A 133 9.27 -4.03 -21.09
C TYR A 133 9.89 -2.65 -20.93
N TYR A 134 11.16 -2.59 -20.52
CA TYR A 134 11.74 -1.32 -20.10
C TYR A 134 12.08 -0.40 -21.26
N ARG A 135 12.08 -0.88 -22.50
CA ARG A 135 12.22 0.04 -23.62
C ARG A 135 11.18 1.16 -23.56
N TRP A 136 9.99 0.86 -23.01
CA TRP A 136 8.92 1.84 -23.03
C TRP A 136 9.04 2.88 -21.92
N GLU A 137 9.63 2.54 -20.78
CA GLU A 137 9.91 3.59 -19.80
C GLU A 137 11.14 4.39 -20.20
N GLN A 138 12.08 3.79 -20.92
CA GLN A 138 13.12 4.61 -21.53
C GLN A 138 12.50 5.59 -22.51
N TRP A 139 11.54 5.12 -23.31
CA TRP A 139 10.86 6.00 -24.27
C TRP A 139 10.19 7.18 -23.56
N LEU A 140 9.38 6.89 -22.53
CA LEU A 140 8.72 7.99 -21.80
C LEU A 140 9.75 8.91 -21.17
N PHE A 141 10.85 8.36 -20.66
CA PHE A 141 11.94 9.17 -20.12
C PHE A 141 12.39 10.22 -21.14
N THR A 142 12.72 9.78 -22.37
CA THR A 142 13.23 10.70 -23.38
C THR A 142 12.21 11.77 -23.74
N LYS A 143 10.92 11.40 -23.79
CA LYS A 143 9.88 12.37 -24.09
C LYS A 143 9.78 13.42 -22.98
N LEU A 144 9.72 12.96 -21.73
CA LEU A 144 9.64 13.89 -20.62
C LEU A 144 10.93 14.70 -20.46
N PHE A 145 12.07 14.11 -20.81
CA PHE A 145 13.34 14.84 -20.73
C PHE A 145 13.36 16.01 -21.69
N GLU A 146 12.84 15.81 -22.90
CA GLU A 146 12.80 16.91 -23.87
C GLU A 146 11.80 17.97 -23.43
N LYS A 147 10.71 17.58 -22.79
CA LYS A 147 9.71 18.52 -22.30
C LYS A 147 10.15 19.24 -21.04
N GLY A 148 11.23 18.80 -20.39
CA GLY A 148 11.66 19.37 -19.13
C GLY A 148 11.08 18.72 -17.89
N ILE A 149 10.14 17.78 -18.03
CA ILE A 149 9.57 17.12 -16.86
C ILE A 149 10.61 16.20 -16.22
N VAL A 150 11.58 15.75 -17.01
CA VAL A 150 12.77 15.08 -16.51
C VAL A 150 13.95 16.00 -16.76
N TYR A 151 14.71 16.29 -15.71
CA TYR A 151 15.86 17.16 -15.84
C TYR A 151 17.03 16.58 -15.07
N ARG A 152 18.22 17.04 -15.41
CA ARG A 152 19.45 16.64 -14.76
C ARG A 152 19.96 17.79 -13.92
N LYS A 153 20.30 17.51 -12.66
CA LYS A 153 20.75 18.54 -11.74
C LYS A 153 21.69 17.89 -10.73
N ASN A 154 22.61 18.69 -10.20
CA ASN A 154 23.49 18.18 -9.14
C ASN A 154 22.69 17.92 -7.87
N GLY A 155 23.00 16.80 -7.21
CA GLY A 155 22.41 16.50 -5.93
C GLY A 155 23.45 15.93 -4.97
N THR A 156 23.09 15.91 -3.69
CA THR A 156 23.97 15.43 -2.64
C THR A 156 23.59 14.01 -2.26
N VAL A 157 24.59 13.13 -2.16
CA VAL A 157 24.37 11.73 -1.80
C VAL A 157 25.35 11.34 -0.70
N ASN A 158 25.04 10.23 -0.02
CA ASN A 158 25.92 9.65 0.98
C ASN A 158 26.80 8.62 0.30
N TRP A 159 28.09 8.89 0.22
CA TRP A 159 29.04 7.98 -0.41
C TRP A 159 29.76 7.17 0.66
N ASP A 160 29.79 5.85 0.49
CA ASP A 160 30.57 4.97 1.34
C ASP A 160 31.92 4.71 0.70
N PRO A 161 33.03 5.17 1.30
CA PRO A 161 34.34 4.98 0.65
C PRO A 161 34.91 3.57 0.76
N VAL A 162 34.41 2.75 1.68
CA VAL A 162 34.90 1.37 1.83
C VAL A 162 34.13 0.42 0.93
N ASP A 163 32.81 0.51 0.93
CA ASP A 163 31.98 -0.31 0.04
C ASP A 163 31.89 0.26 -1.38
N GLN A 164 32.26 1.51 -1.58
CA GLN A 164 32.32 2.11 -2.92
C GLN A 164 30.93 2.12 -3.58
N THR A 165 29.93 2.56 -2.83
CA THR A 165 28.59 2.67 -3.36
C THR A 165 27.82 3.72 -2.58
N VAL A 166 26.70 4.16 -3.16
CA VAL A 166 25.89 5.23 -2.59
C VAL A 166 24.82 4.63 -1.68
N LEU A 167 24.64 5.22 -0.51
CA LEU A 167 23.72 4.70 0.50
C LEU A 167 22.55 5.65 0.72
N ALA A 168 21.40 5.07 1.05
CA ALA A 168 20.26 5.89 1.46
C ALA A 168 20.39 6.29 2.92
N ASN A 169 19.61 7.30 3.30
CA ASN A 169 19.63 7.78 4.68
C ASN A 169 19.26 6.67 5.66
N GLU A 170 18.33 5.79 5.27
CA GLU A 170 17.95 4.68 6.13
C GLU A 170 19.08 3.70 6.34
N GLN A 171 20.07 3.71 5.45
CA GLN A 171 21.20 2.79 5.52
C GLN A 171 22.42 3.41 6.19
N VAL A 172 22.31 4.61 6.75
CA VAL A 172 23.39 5.29 7.46
C VAL A 172 23.08 5.27 8.94
N ILE A 173 24.01 4.75 9.73
CA ILE A 173 23.83 4.57 11.17
C ILE A 173 24.90 5.40 11.87
N ASP A 174 24.48 6.48 12.54
CA ASP A 174 25.38 7.34 13.30
C ASP A 174 26.54 7.85 12.44
N GLY A 175 26.22 8.19 11.20
CA GLY A 175 27.20 8.72 10.26
C GLY A 175 28.01 7.69 9.50
N ARG A 176 27.71 6.40 9.63
CA ARG A 176 28.54 5.35 9.06
C ARG A 176 27.69 4.37 8.26
N GLY A 177 28.32 3.75 7.26
CA GLY A 177 27.63 2.74 6.45
C GLY A 177 27.24 1.53 7.29
N TRP A 178 26.07 0.97 6.97
CA TRP A 178 25.51 -0.10 7.79
C TRP A 178 26.36 -1.37 7.72
N ARG A 179 26.88 -1.69 6.54
CA ARG A 179 27.71 -2.89 6.42
C ARG A 179 29.18 -2.61 6.66
N SER A 180 29.70 -1.53 6.07
CA SER A 180 31.14 -1.25 6.20
C SER A 180 31.49 -0.72 7.58
N GLY A 181 30.64 0.12 8.14
CA GLY A 181 30.99 0.81 9.36
C GLY A 181 31.89 2.01 9.17
N ALA A 182 32.12 2.44 7.94
CA ALA A 182 33.00 3.58 7.70
C ALA A 182 32.20 4.87 7.59
N LEU A 183 32.82 5.98 7.95
CA LEU A 183 32.17 7.29 7.86
C LEU A 183 31.76 7.60 6.43
N ILE A 184 30.48 7.90 6.22
CA ILE A 184 30.04 8.28 4.88
C ILE A 184 30.51 9.70 4.57
N GLU A 185 30.58 10.00 3.27
CA GLU A 185 30.98 11.31 2.76
C GLU A 185 29.85 11.89 1.93
N LYS A 186 29.41 13.09 2.27
CA LYS A 186 28.45 13.79 1.43
C LYS A 186 29.15 14.24 0.15
N ARG A 187 28.64 13.79 -0.99
CA ARG A 187 29.20 14.18 -2.28
C ARG A 187 28.09 14.71 -3.18
N GLU A 188 28.43 15.73 -3.96
CA GLU A 188 27.51 16.40 -4.88
C GLU A 188 27.78 15.84 -6.28
N ILE A 189 26.79 15.15 -6.84
CA ILE A 189 26.93 14.51 -8.15
C ILE A 189 25.70 14.81 -9.00
N PRO A 190 25.82 14.81 -10.32
CA PRO A 190 24.65 15.02 -11.18
C PRO A 190 23.73 13.81 -11.18
N MET A 191 22.43 14.09 -11.09
CA MET A 191 21.40 13.07 -11.06
C MET A 191 20.19 13.57 -11.85
N TYR A 192 19.30 12.63 -12.19
CA TYR A 192 18.08 12.93 -12.92
C TYR A 192 16.88 12.95 -11.97
N TYR A 193 15.88 13.76 -12.33
CA TYR A 193 14.72 14.02 -11.50
C TYR A 193 13.46 14.09 -12.34
N PHE A 194 12.36 13.59 -11.77
CA PHE A 194 11.02 13.89 -12.25
C PHE A 194 10.52 15.14 -11.55
N LYS A 195 9.90 16.04 -12.32
CA LYS A 195 9.32 17.24 -11.73
C LYS A 195 7.92 16.93 -11.21
N ILE A 196 7.85 16.01 -10.26
CA ILE A 196 6.56 15.63 -9.70
C ILE A 196 5.91 16.81 -8.99
N THR A 197 6.69 17.81 -8.59
CA THR A 197 6.08 18.97 -7.94
C THR A 197 5.17 19.74 -8.89
N ASP A 198 5.42 19.63 -10.21
CA ASP A 198 4.53 20.27 -11.18
C ASP A 198 3.15 19.63 -11.23
N TYR A 199 2.98 18.45 -10.63
CA TYR A 199 1.70 17.77 -10.59
C TYR A 199 1.15 17.67 -9.17
N ALA A 200 1.78 18.37 -8.21
CA ALA A 200 1.42 18.24 -6.80
C ALA A 200 -0.04 18.59 -6.55
N GLU A 201 -0.49 19.73 -7.09
CA GLU A 201 -1.85 20.17 -6.86
C GLU A 201 -2.84 19.22 -7.49
N GLU A 202 -2.49 18.65 -8.65
CA GLU A 202 -3.35 17.65 -9.26
C GLU A 202 -3.35 16.36 -8.44
N LEU A 203 -2.18 15.92 -7.96
CA LEU A 203 -2.12 14.69 -7.18
C LEU A 203 -2.86 14.82 -5.86
N LEU A 204 -2.90 16.02 -5.30
CA LEU A 204 -3.59 16.22 -4.03
C LEU A 204 -5.10 16.26 -4.24
N ASN A 205 -5.55 17.03 -5.24
CA ASN A 205 -6.98 17.25 -5.42
C ASN A 205 -7.68 16.01 -5.94
N ASP A 206 -7.00 15.25 -6.80
CA ASP A 206 -7.64 14.07 -7.38
C ASP A 206 -7.88 12.99 -6.33
N LEU A 207 -7.21 13.05 -5.19
CA LEU A 207 -7.49 12.11 -4.11
C LEU A 207 -8.96 12.15 -3.71
N ASP A 208 -9.61 13.32 -3.81
CA ASP A 208 -11.01 13.45 -3.42
C ASP A 208 -11.95 12.62 -4.30
N LYS A 209 -11.51 12.24 -5.51
CA LYS A 209 -12.33 11.38 -6.35
C LYS A 209 -12.38 9.94 -5.85
N LEU A 210 -11.45 9.53 -4.99
CA LEU A 210 -11.27 8.11 -4.67
C LEU A 210 -12.16 7.75 -3.48
N GLU A 211 -13.46 7.65 -3.76
CA GLU A 211 -14.42 7.31 -2.72
C GLU A 211 -14.27 5.88 -2.24
N HIS A 212 -13.61 5.01 -3.01
CA HIS A 212 -13.42 3.62 -2.61
C HIS A 212 -11.99 3.33 -2.18
N TRP A 213 -11.31 4.35 -1.68
CA TRP A 213 -10.00 4.21 -1.06
C TRP A 213 -10.12 4.35 0.45
N PRO A 214 -9.30 3.62 1.23
CA PRO A 214 -9.29 3.83 2.69
C PRO A 214 -8.88 5.26 3.00
N GLU A 215 -9.59 5.86 3.96
CA GLU A 215 -9.30 7.24 4.30
C GLU A 215 -7.87 7.43 4.83
N GLN A 216 -7.30 6.41 5.49
CA GLN A 216 -5.94 6.61 6.03
C GLN A 216 -4.90 6.66 4.91
N VAL A 217 -5.13 5.96 3.81
CA VAL A 217 -4.20 6.07 2.69
C VAL A 217 -4.30 7.46 2.08
N LYS A 218 -5.52 7.95 1.87
CA LYS A 218 -5.70 9.31 1.36
C LYS A 218 -5.05 10.32 2.29
N THR A 219 -5.29 10.19 3.60
CA THR A 219 -4.66 11.07 4.59
C THR A 219 -3.14 11.02 4.51
N MET A 220 -2.56 9.81 4.38
CA MET A 220 -1.11 9.72 4.32
C MET A 220 -0.57 10.40 3.06
N GLN A 221 -1.31 10.34 1.95
CA GLN A 221 -0.83 11.00 0.73
C GLN A 221 -0.98 12.51 0.84
N ARG A 222 -2.08 12.99 1.42
CA ARG A 222 -2.21 14.43 1.60
C ARG A 222 -1.06 14.99 2.45
N ASN A 223 -0.68 14.25 3.50
CA ASN A 223 0.41 14.70 4.37
C ASN A 223 1.76 14.63 3.68
N TRP A 224 1.95 13.68 2.76
CA TRP A 224 3.22 13.58 2.05
C TRP A 224 3.40 14.73 1.07
N ILE A 225 2.37 14.99 0.26
CA ILE A 225 2.36 16.18 -0.56
C ILE A 225 2.49 17.42 0.32
N GLY A 226 1.78 17.44 1.45
CA GLY A 226 1.92 18.51 2.43
C GLY A 226 1.80 19.91 1.87
N LYS A 227 0.68 20.20 1.23
CA LYS A 227 0.37 21.56 0.81
C LYS A 227 0.05 22.43 2.01
N SER A 228 0.48 23.69 1.97
CA SER A 228 0.14 24.63 3.03
C SER A 228 -0.08 26.01 2.42
N ARG A 229 -1.10 26.70 2.92
CA ARG A 229 -1.37 28.08 2.53
C ARG A 229 -0.87 28.98 3.66
N GLY A 230 0.23 29.67 3.43
CA GLY A 230 0.77 30.50 4.48
C GLY A 230 1.19 31.88 4.03
N MET A 231 2.24 32.39 4.65
CA MET A 231 2.63 33.76 4.43
C MET A 231 4.15 33.84 4.36
N THR A 232 4.65 34.53 3.35
CA THR A 232 6.04 34.95 3.36
C THR A 232 6.14 36.22 4.19
N VAL A 233 7.08 36.25 5.13
CA VAL A 233 7.30 37.43 5.96
C VAL A 233 8.78 37.77 5.94
N ARG A 234 9.07 39.06 5.84
CA ARG A 234 10.44 39.56 5.81
C ARG A 234 10.69 40.38 7.07
N PHE A 235 11.72 39.98 7.83
CA PHE A 235 12.13 40.67 9.04
C PHE A 235 13.38 41.46 8.72
N ALA A 236 13.33 42.77 8.95
CA ALA A 236 14.50 43.61 8.69
C ALA A 236 15.64 43.24 9.61
N VAL A 237 16.85 43.13 9.06
CA VAL A 237 18.04 42.90 9.86
C VAL A 237 18.35 44.16 10.65
N SER A 238 18.64 44.01 11.94
CA SER A 238 18.98 45.17 12.77
C SER A 238 20.28 45.81 12.29
N ASP A 239 20.38 47.12 12.53
CA ASP A 239 21.55 47.87 12.06
C ASP A 239 22.84 47.37 12.68
N ASP A 240 22.79 46.75 13.86
CA ASP A 240 23.98 46.22 14.50
C ASP A 240 24.28 44.77 14.11
N SER A 241 23.49 44.16 13.21
CA SER A 241 23.61 42.74 12.92
C SER A 241 23.89 42.46 11.45
N LYS A 242 24.39 43.46 10.71
CA LYS A 242 24.58 43.32 9.27
C LYS A 242 26.01 42.94 8.88
N GLN A 243 26.91 42.79 9.84
CA GLN A 243 28.31 42.52 9.54
C GLN A 243 28.46 41.18 8.81
N GLY A 244 28.90 41.24 7.56
CA GLY A 244 29.23 40.05 6.80
C GLY A 244 28.19 39.63 5.79
N LEU A 245 27.04 40.29 5.76
CA LEU A 245 25.95 39.88 4.88
C LEU A 245 26.00 40.66 3.58
N GLU A 246 25.63 40.00 2.49
CA GLU A 246 25.66 40.59 1.16
C GLU A 246 24.27 40.51 0.53
N GLY A 247 23.91 41.55 -0.22
CA GLY A 247 22.66 41.56 -0.94
C GLY A 247 21.43 41.73 -0.05
N ASP A 248 20.37 41.02 -0.43
CA ASP A 248 19.13 41.09 0.33
C ASP A 248 19.26 40.46 1.72
N TYR A 249 20.26 39.60 1.93
CA TYR A 249 20.47 39.04 3.26
C TYR A 249 20.95 40.10 4.24
N ALA A 250 21.58 41.16 3.75
CA ALA A 250 21.93 42.29 4.61
C ALA A 250 20.72 43.17 4.90
N LYS A 251 19.69 43.12 4.05
CA LYS A 251 18.51 43.95 4.24
C LYS A 251 17.49 43.30 5.18
N PHE A 252 17.16 42.02 4.94
CA PHE A 252 16.10 41.37 5.68
C PHE A 252 16.36 39.87 5.76
N LEU A 253 15.68 39.23 6.71
CA LEU A 253 15.60 37.78 6.78
C LEU A 253 14.17 37.39 6.43
N GLN A 254 14.01 36.65 5.34
CA GLN A 254 12.70 36.24 4.87
C GLN A 254 12.40 34.84 5.40
N VAL A 255 11.17 34.64 5.88
CA VAL A 255 10.73 33.34 6.39
C VAL A 255 9.36 33.04 5.81
N TYR A 256 8.99 31.76 5.89
CA TYR A 256 7.65 31.31 5.53
C TYR A 256 6.95 30.77 6.78
N THR A 257 5.67 31.08 6.92
CA THR A 257 4.90 30.65 8.08
C THR A 257 3.47 30.36 7.65
N THR A 258 2.90 29.30 8.22
CA THR A 258 1.49 29.00 8.02
C THR A 258 0.60 29.61 9.10
N ARG A 259 1.19 30.29 10.09
CA ARG A 259 0.44 30.91 11.19
C ARG A 259 0.76 32.40 11.25
N PRO A 260 0.41 33.18 10.21
CA PRO A 260 0.62 34.63 10.29
C PRO A 260 -0.29 35.30 11.30
N ASP A 261 -1.39 34.68 11.71
CA ASP A 261 -2.24 35.24 12.75
C ASP A 261 -1.56 35.25 14.11
N THR A 262 -0.41 34.62 14.25
CA THR A 262 0.36 34.61 15.48
C THR A 262 1.64 35.44 15.38
N LEU A 263 1.81 36.19 14.29
CA LEU A 263 3.05 36.95 14.11
C LEU A 263 3.34 37.85 15.29
N MET A 264 2.29 38.35 15.97
CA MET A 264 2.49 39.19 17.15
C MET A 264 3.16 38.44 18.29
N GLY A 265 3.12 37.10 18.29
CA GLY A 265 3.69 36.29 19.34
C GLY A 265 5.04 35.64 19.04
N ALA A 266 5.70 36.01 17.95
CA ALA A 266 7.03 35.48 17.67
C ALA A 266 8.03 36.04 18.67
N THR A 267 8.79 35.15 19.30
CA THR A 267 9.76 35.55 20.31
C THR A 267 11.21 35.32 19.87
N TYR A 268 11.44 34.62 18.77
CA TYR A 268 12.76 34.50 18.15
C TYR A 268 12.52 33.96 16.75
N VAL A 269 13.62 33.85 15.98
CA VAL A 269 13.58 33.26 14.65
C VAL A 269 14.71 32.25 14.59
N ALA A 270 14.63 31.36 13.60
CA ALA A 270 15.60 30.29 13.46
C ALA A 270 15.94 30.10 11.99
N VAL A 271 17.22 29.85 11.71
CA VAL A 271 17.70 29.67 10.34
C VAL A 271 18.40 28.33 10.22
N ALA A 272 18.51 27.87 8.98
CA ALA A 272 19.26 26.66 8.68
C ALA A 272 20.76 26.89 8.84
N ALA A 273 21.49 25.78 9.00
CA ALA A 273 22.94 25.85 9.17
C ALA A 273 23.62 26.47 7.95
N GLU A 274 23.03 26.30 6.77
CA GLU A 274 23.58 26.85 5.54
C GLU A 274 23.12 28.29 5.27
N HIS A 275 22.29 28.87 6.13
CA HIS A 275 21.77 30.20 5.86
C HIS A 275 22.89 31.24 6.00
N PRO A 276 22.92 32.24 5.11
CA PRO A 276 23.98 33.26 5.20
C PRO A 276 24.10 33.92 6.56
N LEU A 277 22.99 34.10 7.27
CA LEU A 277 23.08 34.65 8.63
C LEU A 277 23.90 33.73 9.53
N ALA A 278 23.72 32.41 9.40
CA ALA A 278 24.54 31.47 10.17
C ALA A 278 26.00 31.57 9.78
N THR A 279 26.29 31.70 8.48
CA THR A 279 27.67 31.80 8.03
C THR A 279 28.35 33.06 8.58
N ALA A 280 27.67 34.21 8.49
CA ALA A 280 28.29 35.45 8.95
C ALA A 280 28.40 35.50 10.47
N ALA A 281 27.45 34.92 11.19
CA ALA A 281 27.52 34.91 12.65
C ALA A 281 28.60 33.96 13.14
N ALA A 282 28.73 32.78 12.51
CA ALA A 282 29.72 31.80 12.92
C ALA A 282 31.14 32.16 12.49
N ALA A 283 31.31 33.30 11.81
CA ALA A 283 32.61 33.63 11.22
C ALA A 283 33.70 33.77 12.28
N ASP A 284 33.34 34.16 13.50
CA ASP A 284 34.33 34.34 14.57
C ASP A 284 33.97 33.55 15.83
N LYS A 285 33.09 32.55 15.73
CA LYS A 285 32.62 31.80 16.90
C LYS A 285 32.75 30.30 16.64
N PRO A 286 33.80 29.67 17.18
CA PRO A 286 34.02 28.24 16.87
C PRO A 286 32.88 27.34 17.31
N GLU A 287 32.14 27.70 18.36
CA GLU A 287 31.01 26.88 18.77
C GLU A 287 29.96 26.80 17.67
N LEU A 288 29.64 27.92 17.03
CA LEU A 288 28.65 27.89 15.95
C LEU A 288 29.18 27.12 14.74
N GLN A 289 30.48 27.21 14.47
CA GLN A 289 31.07 26.46 13.38
C GLN A 289 30.90 24.96 13.58
N ALA A 290 31.11 24.49 14.81
CA ALA A 290 30.91 23.07 15.10
C ALA A 290 29.44 22.68 15.02
N PHE A 291 28.54 23.59 15.41
CA PHE A 291 27.12 23.29 15.29
C PHE A 291 26.70 23.25 13.83
N ILE A 292 27.26 24.13 13.00
CA ILE A 292 26.98 24.10 11.58
C ILE A 292 27.51 22.80 10.96
N ALA A 293 28.70 22.38 11.39
CA ALA A 293 29.27 21.15 10.83
C ALA A 293 28.47 19.93 11.25
N GLU A 294 28.08 19.85 12.53
CA GLU A 294 27.28 18.71 12.98
C GLU A 294 25.93 18.66 12.28
N CYS A 295 25.38 19.82 11.91
CA CYS A 295 24.16 19.85 11.12
C CYS A 295 24.39 19.32 9.71
N LYS A 296 25.46 19.77 9.05
CA LYS A 296 25.71 19.31 7.69
C LYS A 296 25.98 17.81 7.64
N ALA A 297 26.60 17.27 8.68
CA ALA A 297 26.93 15.85 8.74
C ALA A 297 25.72 14.95 8.96
N GLY A 298 24.55 15.51 9.31
CA GLY A 298 23.39 14.68 9.58
C GLY A 298 22.91 13.92 8.35
N SER A 299 22.19 12.83 8.61
CA SER A 299 21.58 12.02 7.56
C SER A 299 20.26 11.45 8.07
N VAL A 300 19.33 12.34 8.43
CA VAL A 300 18.07 11.94 9.07
C VAL A 300 17.05 11.57 8.00
N ALA A 301 16.47 10.39 8.11
CA ALA A 301 15.39 9.97 7.23
C ALA A 301 14.10 10.68 7.62
N GLU A 302 13.19 10.83 6.64
CA GLU A 302 11.98 11.61 6.87
C GLU A 302 11.08 10.98 7.91
N ALA A 303 11.06 9.63 7.99
CA ALA A 303 10.29 8.94 9.01
C ALA A 303 10.85 9.12 10.41
N ASP A 304 11.98 9.83 10.56
CA ASP A 304 12.59 10.09 11.86
C ASP A 304 12.92 11.56 12.06
N MET A 305 12.44 12.46 11.19
CA MET A 305 12.76 13.88 11.33
C MET A 305 12.08 14.50 12.54
N ALA A 306 10.87 14.04 12.89
CA ALA A 306 10.18 14.56 14.07
C ALA A 306 10.66 13.88 15.35
N THR A 307 11.18 12.66 15.27
CA THR A 307 11.75 11.98 16.43
C THR A 307 13.15 12.49 16.78
N MET A 308 13.73 13.35 15.95
CA MET A 308 15.05 13.91 16.19
C MET A 308 14.96 15.01 17.24
N GLU A 309 15.94 15.03 18.16
CA GLU A 309 15.96 16.06 19.19
C GLU A 309 16.33 17.40 18.57
N LYS A 310 15.50 18.41 18.82
CA LYS A 310 15.73 19.73 18.23
C LYS A 310 16.72 20.50 19.09
N LYS A 311 17.81 20.95 18.46
CA LYS A 311 18.87 21.70 19.12
C LYS A 311 19.11 23.00 18.37
N GLY A 312 19.62 23.99 19.09
CA GLY A 312 19.88 25.29 18.51
C GLY A 312 20.97 26.04 19.24
N VAL A 313 21.51 27.04 18.58
CA VAL A 313 22.51 27.91 19.19
C VAL A 313 22.18 29.36 18.84
N PRO A 314 22.24 30.30 19.79
CA PRO A 314 22.00 31.71 19.46
C PRO A 314 23.18 32.29 18.71
N THR A 315 22.88 33.21 17.80
CA THR A 315 23.91 33.79 16.93
C THR A 315 24.38 35.17 17.38
N GLY A 316 23.60 35.91 18.15
CA GLY A 316 23.94 37.27 18.47
C GLY A 316 23.49 38.28 17.44
N ARG A 317 22.88 37.82 16.35
CA ARG A 317 22.28 38.70 15.36
C ARG A 317 20.80 38.89 15.67
N TYR A 318 20.25 40.02 15.23
CA TYR A 318 18.90 40.43 15.57
C TYR A 318 18.17 40.91 14.32
N VAL A 319 16.87 40.59 14.25
CA VAL A 319 15.97 41.05 13.22
C VAL A 319 14.77 41.71 13.89
N VAL A 320 13.98 42.43 13.08
CA VAL A 320 12.87 43.24 13.56
C VAL A 320 11.57 42.70 13.01
N ASN A 321 10.61 42.47 13.90
CA ASN A 321 9.27 42.06 13.51
C ASN A 321 8.57 43.22 12.81
N PRO A 322 8.12 43.06 11.57
CA PRO A 322 7.53 44.19 10.84
C PRO A 322 6.15 44.61 11.33
N LEU A 323 5.54 43.89 12.28
CA LEU A 323 4.21 44.23 12.80
C LEU A 323 4.21 44.88 14.17
N ASN A 324 5.21 44.61 15.02
CA ASN A 324 5.24 45.22 16.34
C ASN A 324 6.57 45.85 16.70
N GLY A 325 7.54 45.86 15.79
CA GLY A 325 8.81 46.50 16.06
C GLY A 325 9.75 45.75 16.98
N ASP A 326 9.31 44.63 17.59
CA ASP A 326 10.16 43.93 18.55
C ASP A 326 11.44 43.44 17.88
N LYS A 327 12.55 43.49 18.62
CA LYS A 327 13.81 42.96 18.16
C LYS A 327 13.92 41.49 18.59
N LEU A 328 14.24 40.61 17.64
CA LEU A 328 14.24 39.18 17.90
C LEU A 328 15.60 38.57 17.55
N GLU A 329 16.10 37.69 18.43
CA GLU A 329 17.39 37.08 18.18
C GLU A 329 17.27 35.95 17.15
N VAL A 330 18.28 35.83 16.29
CA VAL A 330 18.35 34.75 15.32
C VAL A 330 19.09 33.57 15.94
N TRP A 331 18.51 32.38 15.80
CA TRP A 331 19.12 31.14 16.24
C TRP A 331 19.44 30.27 15.03
N ILE A 332 20.50 29.47 15.13
CA ILE A 332 20.74 28.37 14.20
C ILE A 332 20.14 27.11 14.81
N ALA A 333 19.24 26.46 14.07
CA ALA A 333 18.54 25.27 14.56
C ALA A 333 18.71 24.11 13.57
N ASN A 334 18.64 22.89 14.09
CA ASN A 334 18.88 21.70 13.28
C ASN A 334 17.62 21.17 12.60
N TYR A 335 16.44 21.66 12.96
CA TYR A 335 15.20 21.28 12.29
C TYR A 335 14.85 22.16 11.09
N VAL A 336 15.54 23.30 10.92
CA VAL A 336 15.32 24.17 9.77
C VAL A 336 16.15 23.65 8.60
N LEU A 337 15.48 23.24 7.53
CA LEU A 337 16.14 22.56 6.43
C LEU A 337 16.37 23.53 5.28
N TRP A 338 17.63 23.68 4.88
CA TRP A 338 17.93 24.44 3.69
C TRP A 338 17.37 23.72 2.47
N GLY A 339 16.59 24.42 1.65
CA GLY A 339 15.90 23.84 0.53
C GLY A 339 14.39 23.78 0.71
N TYR A 340 13.90 23.85 1.94
CA TYR A 340 12.48 23.94 2.24
C TYR A 340 12.14 25.41 2.48
N GLY A 341 11.40 26.01 1.55
CA GLY A 341 11.06 27.41 1.69
C GLY A 341 12.29 28.29 1.55
N ASP A 342 12.48 29.17 2.54
CA ASP A 342 13.61 30.09 2.56
C ASP A 342 14.73 29.62 3.47
N GLY A 343 14.60 28.44 4.08
CA GLY A 343 15.56 27.97 5.06
C GLY A 343 15.61 28.81 6.32
N ALA A 344 14.46 29.38 6.71
CA ALA A 344 14.35 30.25 7.87
C ALA A 344 12.88 30.25 8.30
N VAL A 345 12.66 30.25 9.61
CA VAL A 345 11.31 30.15 10.18
C VAL A 345 11.25 31.08 11.38
N MET A 346 10.03 31.53 11.68
CA MET A 346 9.75 32.20 12.95
C MET A 346 9.23 31.18 13.95
N ALA A 347 9.35 31.50 15.23
CA ALA A 347 8.93 30.59 16.29
C ALA A 347 7.93 31.30 17.20
N VAL A 348 6.79 30.64 17.43
CA VAL A 348 5.76 31.13 18.35
C VAL A 348 5.57 30.06 19.42
N PRO A 349 6.37 30.09 20.49
CA PRO A 349 6.34 28.97 21.46
C PRO A 349 5.00 28.80 22.15
N ALA A 350 4.14 29.82 22.14
CA ALA A 350 2.85 29.71 22.80
C ALA A 350 1.82 28.91 22.00
N HIS A 351 2.01 28.76 20.68
CA HIS A 351 0.96 28.15 19.87
C HIS A 351 1.49 27.16 18.85
N ASP A 352 2.74 26.72 18.97
CA ASP A 352 3.31 25.65 18.16
C ASP A 352 4.07 24.73 19.10
N GLU A 353 3.67 23.46 19.14
CA GLU A 353 4.21 22.54 20.14
C GLU A 353 5.73 22.40 20.02
N ARG A 354 6.23 22.32 18.79
CA ARG A 354 7.68 22.23 18.60
C ARG A 354 8.37 23.48 19.14
N ASP A 355 7.85 24.66 18.81
CA ASP A 355 8.39 25.89 19.39
C ASP A 355 8.27 25.90 20.89
N PHE A 356 7.20 25.31 21.44
CA PHE A 356 7.04 25.29 22.89
C PHE A 356 8.17 24.51 23.55
N GLU A 357 8.47 23.33 23.01
CA GLU A 357 9.53 22.50 23.60
C GLU A 357 10.90 23.15 23.39
N PHE A 358 11.12 23.75 22.23
CA PHE A 358 12.37 24.45 21.98
C PHE A 358 12.57 25.59 22.97
N ALA A 359 11.54 26.42 23.15
CA ALA A 359 11.65 27.53 24.08
C ALA A 359 11.73 27.04 25.52
N ALA A 360 11.09 25.92 25.84
CA ALA A 360 11.21 25.39 27.20
C ALA A 360 12.62 24.87 27.47
N LYS A 361 13.28 24.31 26.45
CA LYS A 361 14.64 23.82 26.67
C LYS A 361 15.60 24.98 26.93
N TYR A 362 15.47 26.06 26.18
CA TYR A 362 16.41 27.19 26.28
C TYR A 362 15.84 28.36 27.06
N ASN A 363 14.69 28.19 27.72
CA ASN A 363 14.07 29.26 28.51
C ASN A 363 13.86 30.53 27.66
N LEU A 364 13.36 30.33 26.44
CA LEU A 364 13.01 31.43 25.56
C LEU A 364 11.59 31.91 25.86
N PRO A 365 11.27 33.17 25.55
CA PRO A 365 9.96 33.71 25.90
C PRO A 365 8.81 33.00 25.20
N LYS A 366 7.67 32.93 25.89
CA LYS A 366 6.42 32.46 25.29
C LYS A 366 5.37 33.54 25.51
N LYS A 367 4.83 34.07 24.41
CA LYS A 367 3.83 35.13 24.47
C LYS A 367 2.53 34.62 23.86
N GLN A 368 1.50 34.49 24.70
CA GLN A 368 0.19 34.12 24.21
C GLN A 368 -0.41 35.24 23.37
N VAL A 369 -0.95 34.88 22.21
CA VAL A 369 -1.63 35.83 21.34
C VAL A 369 -2.97 35.25 20.90
N ILE A 370 -3.20 33.97 21.14
CA ILE A 370 -4.46 33.32 20.82
C ILE A 370 -5.14 32.88 22.11
N ALA A 371 -6.47 33.00 22.14
CA ALA A 371 -7.29 32.49 23.23
C ALA A 371 -8.44 31.68 22.65
N VAL A 372 -8.77 30.57 23.30
CA VAL A 372 -9.88 29.71 22.90
C VAL A 372 -10.78 29.54 24.12
N GLY A 373 -11.96 30.16 24.08
CA GLY A 373 -12.82 30.17 25.26
C GLY A 373 -12.16 30.90 26.42
N ASP A 374 -12.66 30.62 27.63
CA ASP A 374 -12.07 31.15 28.85
C ASP A 374 -10.95 30.25 29.38
N ASN A 375 -10.33 29.45 28.51
CA ASN A 375 -9.27 28.55 28.93
C ASN A 375 -8.09 29.32 29.50
N ALA A 376 -7.52 28.80 30.58
CA ALA A 376 -6.36 29.40 31.20
C ALA A 376 -5.10 29.04 30.42
N PHE A 377 -4.30 30.04 30.10
CA PHE A 377 -3.03 29.82 29.43
C PHE A 377 -1.94 29.60 30.48
N ASP A 378 -1.21 28.51 30.33
CA ASP A 378 -0.11 28.16 31.23
C ASP A 378 1.18 28.15 30.42
N ALA A 379 2.13 29.00 30.81
CA ALA A 379 3.39 29.09 30.09
C ALA A 379 4.36 27.96 30.39
N ASN A 380 4.00 27.02 31.27
CA ASN A 380 4.87 25.90 31.61
C ASN A 380 4.37 24.55 31.14
N ARG A 381 3.07 24.41 30.91
CA ARG A 381 2.49 23.17 30.42
C ARG A 381 1.85 23.42 29.06
N TRP A 382 2.10 22.54 28.10
CA TRP A 382 1.44 22.62 26.81
C TRP A 382 0.04 22.02 26.89
N GLN A 383 -0.91 22.70 26.26
CA GLN A 383 -2.28 22.23 26.18
C GLN A 383 -2.70 22.24 24.72
N GLU A 384 -3.53 21.26 24.34
CA GLU A 384 -3.84 21.07 22.92
C GLU A 384 -4.45 22.32 22.30
N TRP A 385 -5.25 23.07 23.07
CA TRP A 385 -5.90 24.26 22.52
C TRP A 385 -4.93 25.38 22.19
N TYR A 386 -3.65 25.28 22.58
CA TYR A 386 -2.70 26.31 22.19
C TYR A 386 -2.59 26.43 20.68
N GLY A 387 -2.59 25.31 19.97
CA GLY A 387 -2.48 25.27 18.53
C GLY A 387 -3.79 25.35 17.77
N ASP A 388 -4.89 25.66 18.44
CA ASP A 388 -6.20 25.70 17.79
C ASP A 388 -6.27 26.83 16.77
N LYS A 389 -6.73 26.51 15.57
CA LYS A 389 -6.91 27.48 14.50
C LYS A 389 -8.36 27.91 14.30
N GLU A 390 -9.30 26.95 14.33
CA GLU A 390 -10.67 27.25 13.97
C GLU A 390 -11.43 27.96 15.09
N ASN A 391 -11.11 27.68 16.35
CA ASN A 391 -11.91 28.15 17.47
C ASN A 391 -11.30 29.33 18.21
N GLY A 392 -10.06 29.71 17.91
CA GLY A 392 -9.39 30.73 18.68
C GLY A 392 -9.69 32.15 18.20
N VAL A 393 -9.29 33.11 19.04
CA VAL A 393 -9.44 34.53 18.76
C VAL A 393 -8.19 35.25 19.26
N LEU A 394 -7.76 36.27 18.52
CA LEU A 394 -6.50 36.94 18.83
C LEU A 394 -6.58 37.79 20.09
N VAL A 395 -5.49 37.81 20.85
CA VAL A 395 -5.32 38.64 22.03
C VAL A 395 -3.87 39.12 22.07
N ASN A 396 -3.64 40.20 22.81
CA ASN A 396 -2.30 40.79 22.96
C ASN A 396 -1.70 41.16 21.61
N SER A 397 -2.56 41.46 20.63
CA SER A 397 -2.12 41.68 19.25
C SER A 397 -2.45 43.08 18.77
N GLY A 398 -2.77 44.00 19.68
CA GLY A 398 -3.01 45.37 19.28
C GLY A 398 -4.33 45.49 18.55
N ASP A 399 -4.30 46.10 17.36
CA ASP A 399 -5.51 46.30 16.59
C ASP A 399 -6.03 45.01 15.98
N LEU A 400 -5.28 43.92 16.06
CA LEU A 400 -5.74 42.64 15.55
C LEU A 400 -6.55 41.85 16.57
N ASP A 401 -6.75 42.38 17.78
CA ASP A 401 -7.45 41.63 18.82
C ASP A 401 -8.89 41.36 18.41
N GLY A 402 -9.36 40.15 18.74
CA GLY A 402 -10.75 39.79 18.53
C GLY A 402 -11.06 39.10 17.22
N LEU A 403 -10.06 38.90 16.36
CA LEU A 403 -10.29 38.32 15.04
C LEU A 403 -10.11 36.81 15.08
N ASP A 404 -10.81 36.11 14.18
CA ASP A 404 -10.62 34.68 14.04
C ASP A 404 -9.39 34.43 13.17
N PHE A 405 -9.11 33.16 12.85
CA PHE A 405 -7.91 32.85 12.10
C PHE A 405 -7.93 33.49 10.71
N GLN A 406 -9.00 33.27 9.94
CA GLN A 406 -8.99 33.65 8.54
C GLN A 406 -9.02 35.18 8.37
N THR A 407 -9.76 35.89 9.22
CA THR A 407 -9.77 37.34 9.09
C THR A 407 -8.48 37.96 9.61
N ALA A 408 -7.83 37.32 10.59
CA ALA A 408 -6.51 37.76 11.01
C ALA A 408 -5.46 37.47 9.93
N PHE A 409 -5.57 36.33 9.25
CA PHE A 409 -4.69 36.01 8.12
C PHE A 409 -4.75 37.11 7.07
N ASP A 410 -5.95 37.53 6.68
CA ASP A 410 -6.09 38.54 5.64
C ASP A 410 -5.65 39.91 6.13
N ALA A 411 -5.94 40.24 7.40
CA ALA A 411 -5.49 41.51 7.94
C ALA A 411 -3.96 41.60 8.00
N VAL A 412 -3.31 40.52 8.42
CA VAL A 412 -1.85 40.54 8.45
C VAL A 412 -1.29 40.59 7.04
N ALA A 413 -1.86 39.82 6.12
CA ALA A 413 -1.46 39.92 4.72
C ALA A 413 -1.57 41.36 4.21
N ALA A 414 -2.63 42.07 4.60
CA ALA A 414 -2.81 43.45 4.15
C ALA A 414 -1.72 44.35 4.70
N LYS A 415 -1.42 44.25 6.00
CA LYS A 415 -0.39 45.09 6.59
C LYS A 415 0.98 44.80 6.00
N LEU A 416 1.31 43.52 5.80
CA LEU A 416 2.61 43.16 5.25
C LEU A 416 2.75 43.66 3.82
N GLN A 417 1.75 43.38 2.98
CA GLN A 417 1.83 43.77 1.58
C GLN A 417 1.86 45.28 1.41
N SER A 418 1.16 46.02 2.27
CA SER A 418 1.11 47.48 2.10
C SER A 418 2.47 48.11 2.37
N GLN A 419 3.20 47.62 3.36
CA GLN A 419 4.54 48.11 3.64
C GLN A 419 5.62 47.30 2.97
N GLY A 420 5.25 46.36 2.09
CA GLY A 420 6.22 45.54 1.39
C GLY A 420 6.97 44.54 2.24
N ALA A 421 6.42 44.14 3.39
CA ALA A 421 7.11 43.24 4.31
C ALA A 421 6.74 41.77 4.11
N GLY A 422 5.77 41.45 3.26
CA GLY A 422 5.43 40.05 3.01
C GLY A 422 4.19 39.94 2.15
N GLU A 423 3.87 38.69 1.80
CA GLU A 423 2.74 38.39 0.94
C GLU A 423 2.34 36.92 1.14
N PRO A 424 1.09 36.56 0.80
CA PRO A 424 0.68 35.16 0.93
C PRO A 424 1.40 34.26 -0.06
N LYS A 425 1.64 33.03 0.36
CA LYS A 425 2.37 32.09 -0.47
C LYS A 425 1.89 30.67 -0.17
N THR A 426 1.82 29.87 -1.23
CA THR A 426 1.49 28.46 -1.15
C THR A 426 2.77 27.62 -1.27
N GLN A 427 2.92 26.63 -0.39
CA GLN A 427 4.10 25.78 -0.38
C GLN A 427 3.69 24.30 -0.33
N TYR A 428 4.62 23.44 -0.71
CA TYR A 428 4.43 21.99 -0.67
C TYR A 428 5.66 21.33 -0.06
N ARG A 429 5.44 20.38 0.86
CA ARG A 429 6.54 19.56 1.37
C ARG A 429 7.14 18.66 0.29
N LEU A 430 6.35 18.28 -0.71
CA LEU A 430 6.78 17.32 -1.73
C LEU A 430 8.06 17.76 -2.42
N ARG A 431 9.05 16.86 -2.44
CA ARG A 431 10.30 17.05 -3.17
C ARG A 431 10.20 16.40 -4.55
N ASP A 432 11.05 16.84 -5.47
CA ASP A 432 11.09 16.20 -6.77
C ASP A 432 11.63 14.78 -6.64
N TRP A 433 11.24 13.92 -7.57
CA TRP A 433 11.52 12.49 -7.50
C TRP A 433 12.85 12.19 -8.18
N GLY A 434 13.87 11.86 -7.40
CA GLY A 434 15.17 11.50 -7.95
C GLY A 434 15.23 10.04 -8.35
N ILE A 435 15.55 9.76 -9.61
CA ILE A 435 15.42 8.41 -10.16
C ILE A 435 16.74 7.77 -10.53
N SER A 436 17.87 8.47 -10.38
CA SER A 436 19.17 7.92 -10.72
C SER A 436 19.65 6.96 -9.64
N ARG A 437 20.16 5.79 -10.05
CA ARG A 437 20.70 4.83 -9.10
C ARG A 437 22.07 4.38 -9.57
N GLN A 438 23.02 4.31 -8.64
CA GLN A 438 24.38 3.90 -8.96
C GLN A 438 24.51 2.38 -8.76
N ARG A 439 23.67 1.67 -9.50
CA ARG A 439 23.60 0.22 -9.46
C ARG A 439 23.61 -0.33 -10.88
N TYR A 440 23.81 -1.65 -10.99
CA TYR A 440 23.83 -2.35 -12.26
C TYR A 440 22.47 -2.91 -12.66
N TRP A 441 21.83 -3.67 -11.76
CA TRP A 441 20.63 -4.43 -12.11
C TRP A 441 19.41 -3.51 -12.08
N GLY A 442 19.29 -2.73 -13.16
CA GLY A 442 18.20 -1.78 -13.32
C GLY A 442 18.12 -1.31 -14.75
N CYS A 443 17.08 -0.55 -15.06
CA CYS A 443 16.86 -0.06 -16.42
C CYS A 443 17.86 1.04 -16.76
N PRO A 444 18.64 0.92 -17.82
CA PRO A 444 19.58 1.99 -18.19
C PRO A 444 18.84 3.29 -18.50
N ILE A 445 19.51 4.40 -18.23
CA ILE A 445 18.97 5.73 -18.51
C ILE A 445 19.35 6.10 -19.93
N PRO A 446 18.38 6.38 -20.82
CA PRO A 446 18.64 6.58 -22.27
C PRO A 446 19.18 7.96 -22.59
N ILE A 447 20.31 8.29 -21.97
CA ILE A 447 21.03 9.53 -22.20
C ILE A 447 22.43 9.18 -22.68
N VAL A 448 22.95 9.91 -23.66
CA VAL A 448 24.34 9.81 -24.08
C VAL A 448 24.99 11.17 -23.84
N HIS A 449 26.21 11.16 -23.28
CA HIS A 449 26.93 12.38 -22.95
C HIS A 449 27.95 12.68 -24.04
N CYS A 450 27.77 13.81 -24.73
CA CYS A 450 28.69 14.27 -25.78
C CYS A 450 29.21 15.63 -25.37
N GLU A 451 30.54 15.81 -25.44
CA GLU A 451 31.11 17.08 -25.02
C GLU A 451 30.76 18.23 -25.95
N LYS A 452 30.22 17.94 -27.13
CA LYS A 452 29.72 18.97 -28.04
C LYS A 452 28.22 19.19 -27.90
N CYS A 453 27.44 18.11 -27.80
CA CYS A 453 25.98 18.22 -27.81
C CYS A 453 25.35 18.20 -26.43
N GLY A 454 26.12 17.90 -25.38
CA GLY A 454 25.62 17.79 -24.02
C GLY A 454 24.94 16.46 -23.71
N ASN A 455 23.95 16.51 -22.80
CA ASN A 455 23.11 15.35 -22.49
C ASN A 455 22.11 15.15 -23.63
N VAL A 456 22.25 14.06 -24.36
CA VAL A 456 21.46 13.78 -25.54
C VAL A 456 20.57 12.59 -25.24
N PRO A 457 19.26 12.69 -25.45
CA PRO A 457 18.41 11.50 -25.30
C PRO A 457 18.59 10.59 -26.51
N VAL A 458 18.60 9.28 -26.24
CA VAL A 458 18.67 8.29 -27.31
C VAL A 458 17.44 8.43 -28.21
N PRO A 459 17.60 8.44 -29.54
CA PRO A 459 16.44 8.50 -30.44
C PRO A 459 15.51 7.32 -30.25
N ALA A 460 14.22 7.55 -30.52
CA ALA A 460 13.22 6.51 -30.31
C ALA A 460 13.50 5.27 -31.16
N ASP A 461 14.09 5.44 -32.35
CA ASP A 461 14.44 4.29 -33.19
C ASP A 461 15.50 3.41 -32.53
N GLN A 462 16.41 4.01 -31.75
CA GLN A 462 17.50 3.25 -31.16
C GLN A 462 17.12 2.59 -29.83
N LEU A 463 15.95 2.91 -29.27
CA LEU A 463 15.52 2.28 -28.04
C LEU A 463 15.12 0.84 -28.30
N PRO A 464 15.39 -0.08 -27.35
CA PRO A 464 15.96 0.20 -26.04
C PRO A 464 17.47 0.40 -26.01
N VAL A 465 17.96 0.96 -24.90
CA VAL A 465 19.35 0.81 -24.49
C VAL A 465 19.40 -0.49 -23.68
N VAL A 466 19.95 -1.55 -24.26
CA VAL A 466 19.89 -2.87 -23.64
C VAL A 466 20.92 -2.95 -22.51
N LEU A 467 20.45 -3.29 -21.31
CA LEU A 467 21.35 -3.66 -20.22
C LEU A 467 22.01 -4.99 -20.53
N PRO A 468 23.33 -5.07 -20.60
CA PRO A 468 23.98 -6.37 -20.85
C PRO A 468 23.77 -7.31 -19.66
N GLU A 469 23.29 -8.52 -19.94
CA GLU A 469 22.98 -9.50 -18.91
C GLU A 469 24.17 -10.38 -18.54
N ASN A 470 25.24 -10.33 -19.31
CA ASN A 470 26.43 -11.16 -19.05
C ASN A 470 27.37 -10.46 -18.08
N VAL A 471 26.89 -10.24 -16.86
CA VAL A 471 27.60 -9.46 -15.86
C VAL A 471 27.43 -10.12 -14.49
N VAL A 472 28.52 -10.27 -13.76
CA VAL A 472 28.49 -10.71 -12.38
C VAL A 472 29.12 -9.61 -11.52
N PRO A 473 28.30 -8.82 -10.82
CA PRO A 473 28.86 -7.70 -10.05
C PRO A 473 29.83 -8.17 -8.97
N ASP A 474 30.96 -7.46 -8.88
CA ASP A 474 32.00 -7.74 -7.90
C ASP A 474 31.70 -7.05 -6.58
N GLY A 475 32.30 -5.90 -6.34
CA GLY A 475 32.07 -5.17 -5.11
C GLY A 475 32.94 -3.95 -4.96
N MET A 476 33.21 -3.28 -6.07
CA MET A 476 34.06 -2.10 -6.09
C MET A 476 33.50 -1.07 -7.08
N GLY A 477 32.25 -0.66 -6.86
CA GLY A 477 31.59 0.33 -7.68
C GLY A 477 30.61 -0.29 -8.66
N SER A 478 29.77 0.58 -9.23
CA SER A 478 28.76 0.13 -10.19
C SER A 478 29.44 -0.50 -11.40
N PRO A 479 29.03 -1.70 -11.81
CA PRO A 479 29.74 -2.39 -12.90
C PRO A 479 29.66 -1.68 -14.24
N LEU A 480 28.57 -0.96 -14.52
CA LEU A 480 28.43 -0.31 -15.81
C LEU A 480 29.53 0.73 -16.04
N ALA A 481 29.94 1.44 -14.99
CA ALA A 481 31.01 2.42 -15.13
C ALA A 481 32.37 1.77 -15.34
N LYS A 482 32.48 0.45 -15.19
CA LYS A 482 33.71 -0.28 -15.41
C LYS A 482 33.72 -1.04 -16.73
N MET A 483 32.73 -0.81 -17.60
CA MET A 483 32.54 -1.52 -18.86
C MET A 483 32.56 -0.53 -20.02
N PRO A 484 33.74 -0.20 -20.54
CA PRO A 484 33.78 0.63 -21.76
C PRO A 484 33.02 0.02 -22.93
N GLU A 485 32.91 -1.31 -22.98
CA GLU A 485 32.17 -1.95 -24.05
C GLU A 485 30.70 -1.55 -24.03
N PHE A 486 30.18 -1.16 -22.87
CA PHE A 486 28.82 -0.63 -22.76
C PHE A 486 28.78 0.89 -22.98
N TYR A 487 29.61 1.66 -22.25
CA TYR A 487 29.40 3.10 -22.21
C TYR A 487 30.08 3.87 -23.34
N GLU A 488 31.07 3.30 -24.02
CA GLU A 488 31.67 3.99 -25.15
C GLU A 488 30.77 3.86 -26.37
N THR A 489 30.33 4.99 -26.92
CA THR A 489 29.37 4.97 -28.03
C THR A 489 29.58 6.20 -28.90
N SER A 490 28.73 6.36 -29.91
CA SER A 490 28.73 7.53 -30.77
C SER A 490 27.57 8.44 -30.39
N CYS A 491 27.79 9.75 -30.52
CA CYS A 491 26.72 10.68 -30.24
C CYS A 491 25.64 10.55 -31.30
N PRO A 492 24.36 10.41 -30.93
CA PRO A 492 23.31 10.31 -31.95
C PRO A 492 22.93 11.64 -32.58
N CYS A 493 23.52 12.76 -32.15
CA CYS A 493 23.30 14.04 -32.80
C CYS A 493 24.42 14.42 -33.77
N CYS A 494 25.67 14.06 -33.46
CA CYS A 494 26.79 14.48 -34.28
C CYS A 494 27.64 13.32 -34.77
N GLY A 495 27.48 12.11 -34.22
CA GLY A 495 28.28 10.97 -34.59
C GLY A 495 29.63 10.88 -33.90
N GLY A 496 30.03 11.88 -33.12
CA GLY A 496 31.31 11.87 -32.46
C GLY A 496 31.37 10.93 -31.26
N ALA A 497 32.56 10.86 -30.67
CA ALA A 497 32.76 10.02 -29.49
C ALA A 497 31.95 10.55 -28.31
N ALA A 498 31.35 9.62 -27.58
CA ALA A 498 30.43 9.99 -26.51
C ALA A 498 30.35 8.83 -25.53
N LYS A 499 29.71 9.09 -24.39
CA LYS A 499 29.63 8.11 -23.31
C LYS A 499 28.20 7.99 -22.86
N ARG A 500 27.70 6.75 -22.81
CA ARG A 500 26.38 6.48 -22.27
C ARG A 500 26.32 6.82 -20.78
N GLU A 501 25.13 7.19 -20.32
CA GLU A 501 24.86 7.24 -18.89
C GLU A 501 24.98 5.84 -18.30
N THR A 502 25.70 5.71 -17.19
CA THR A 502 25.88 4.42 -16.55
C THR A 502 24.94 4.19 -15.38
N ASP A 503 24.32 5.24 -14.84
CA ASP A 503 23.35 5.06 -13.78
C ASP A 503 22.06 4.44 -14.34
N THR A 504 21.37 3.68 -13.50
CA THR A 504 20.11 3.06 -13.87
C THR A 504 18.96 3.75 -13.13
N MET A 505 17.75 3.34 -13.45
CA MET A 505 16.56 4.02 -12.96
C MET A 505 16.10 3.42 -11.63
N ASP A 506 15.49 4.28 -10.82
CA ASP A 506 14.80 3.82 -9.62
C ASP A 506 13.80 2.73 -9.99
N THR A 507 13.84 1.60 -9.26
CA THR A 507 12.97 0.48 -9.58
C THR A 507 11.49 0.79 -9.35
N PHE A 508 11.16 1.84 -8.60
CA PHE A 508 9.77 2.28 -8.50
C PHE A 508 9.18 2.67 -9.85
N ILE A 509 10.02 3.03 -10.83
CA ILE A 509 9.51 3.41 -12.14
C ILE A 509 8.79 2.24 -12.81
N GLU A 510 9.38 1.03 -12.77
CA GLU A 510 8.75 -0.10 -13.45
C GLU A 510 7.36 -0.38 -12.90
N SER A 511 7.21 -0.35 -11.57
CA SER A 511 5.90 -0.58 -10.96
C SER A 511 4.96 0.62 -11.05
N SER A 512 5.41 1.75 -11.58
CA SER A 512 4.52 2.90 -11.75
C SER A 512 3.63 2.81 -12.99
N TRP A 513 3.86 1.83 -13.88
CA TRP A 513 3.01 1.73 -15.05
C TRP A 513 2.70 0.30 -15.49
N TYR A 514 3.15 -0.72 -14.77
CA TYR A 514 2.97 -2.09 -15.25
C TYR A 514 1.50 -2.46 -15.41
N PHE A 515 0.62 -1.82 -14.63
CA PHE A 515 -0.79 -2.12 -14.73
C PHE A 515 -1.38 -1.71 -16.08
N PHE A 516 -0.75 -0.75 -16.77
CA PHE A 516 -1.14 -0.45 -18.14
C PHE A 516 -0.53 -1.43 -19.12
N ARG A 517 0.71 -1.87 -18.88
CA ARG A 517 1.33 -2.82 -19.81
C ARG A 517 0.56 -4.14 -19.87
N TYR A 518 -0.03 -4.58 -18.75
CA TYR A 518 -0.85 -5.79 -18.76
C TYR A 518 -1.95 -5.72 -19.81
N MET A 519 -2.42 -4.50 -20.13
CA MET A 519 -3.52 -4.35 -21.09
C MET A 519 -3.12 -4.78 -22.49
N SER A 520 -1.83 -4.62 -22.86
CA SER A 520 -1.33 -4.99 -24.18
C SER A 520 0.16 -5.35 -24.10
N PRO A 521 0.53 -6.45 -23.43
CA PRO A 521 1.94 -6.66 -23.06
C PRO A 521 2.86 -7.01 -24.23
N LYS A 522 2.32 -7.20 -25.43
CA LYS A 522 3.14 -7.51 -26.60
C LYS A 522 3.10 -6.39 -27.64
N PHE A 523 2.51 -5.25 -27.29
CA PHE A 523 2.43 -4.12 -28.20
C PHE A 523 3.82 -3.56 -28.43
N SER A 524 4.27 -3.58 -29.70
CA SER A 524 5.60 -3.12 -30.08
CA SER A 524 5.61 -3.11 -30.04
C SER A 524 5.62 -1.66 -30.50
N ASP A 525 4.47 -0.99 -30.57
CA ASP A 525 4.40 0.36 -31.09
C ASP A 525 4.13 1.40 -30.01
N GLY A 526 4.13 1.02 -28.74
CA GLY A 526 3.89 1.99 -27.69
C GLY A 526 3.80 1.32 -26.34
N MET A 527 3.68 2.17 -25.31
CA MET A 527 3.60 1.67 -23.94
C MET A 527 2.39 0.76 -23.77
N VAL A 528 1.24 1.18 -24.29
CA VAL A 528 -0.01 0.44 -24.23
C VAL A 528 -0.79 0.77 -25.50
N SER A 529 -1.36 -0.25 -26.13
CA SER A 529 -2.17 -0.03 -27.33
C SER A 529 -3.43 0.77 -27.00
N ALA A 530 -3.82 1.63 -27.93
CA ALA A 530 -4.95 2.53 -27.70
C ALA A 530 -6.27 1.76 -27.59
N GLU A 531 -6.40 0.63 -28.27
CA GLU A 531 -7.63 -0.15 -28.17
C GLU A 531 -7.75 -0.83 -26.81
N SER A 532 -6.63 -1.29 -26.26
CA SER A 532 -6.66 -1.97 -24.98
C SER A 532 -6.89 -1.00 -23.83
N ALA A 533 -6.22 0.16 -23.85
CA ALA A 533 -6.44 1.13 -22.78
C ALA A 533 -7.87 1.64 -22.78
N LYS A 534 -8.45 1.79 -23.97
CA LYS A 534 -9.84 2.26 -24.07
C LYS A 534 -10.82 1.22 -23.54
N TYR A 535 -10.50 -0.07 -23.66
CA TYR A 535 -11.42 -1.11 -23.19
C TYR A 535 -11.28 -1.34 -21.69
N TRP A 536 -10.05 -1.48 -21.21
CA TRP A 536 -9.83 -1.84 -19.82
C TRP A 536 -9.87 -0.62 -18.89
N GLY A 537 -9.58 0.56 -19.41
CA GLY A 537 -9.72 1.77 -18.64
C GLY A 537 -8.78 1.85 -17.46
N ALA A 538 -9.29 1.59 -16.26
CA ALA A 538 -8.51 1.63 -15.04
C ALA A 538 -8.63 0.31 -14.31
N VAL A 539 -7.83 0.15 -13.27
CA VAL A 539 -7.91 -1.02 -12.42
C VAL A 539 -9.13 -0.89 -11.52
N ASP A 540 -9.96 -1.92 -11.50
CA ASP A 540 -11.18 -1.85 -10.70
C ASP A 540 -10.88 -2.14 -9.23
N GLN A 541 -10.02 -3.11 -8.97
CA GLN A 541 -9.67 -3.54 -7.64
C GLN A 541 -8.16 -3.74 -7.57
N TYR A 542 -7.53 -3.12 -6.58
CA TYR A 542 -6.09 -3.22 -6.34
C TYR A 542 -5.86 -3.74 -4.92
N ILE A 543 -4.97 -4.73 -4.78
CA ILE A 543 -4.69 -5.39 -3.50
C ILE A 543 -3.19 -5.42 -3.27
N GLY A 544 -2.75 -5.02 -2.09
CA GLY A 544 -1.34 -5.02 -1.76
C GLY A 544 -1.15 -4.54 -0.34
N GLY A 545 0.10 -4.66 0.12
CA GLY A 545 0.41 -4.31 1.49
C GLY A 545 0.43 -2.81 1.74
N ILE A 546 0.24 -2.46 3.02
CA ILE A 546 0.16 -1.06 3.45
C ILE A 546 1.51 -0.35 3.35
N GLU A 547 2.61 -1.09 3.24
CA GLU A 547 3.93 -0.47 3.10
C GLU A 547 4.08 0.30 1.79
N HIS A 548 3.15 0.14 0.85
CA HIS A 548 3.22 0.82 -0.43
C HIS A 548 2.21 1.95 -0.54
N ALA A 549 1.57 2.32 0.57
CA ALA A 549 0.51 3.31 0.55
C ALA A 549 0.98 4.72 0.20
N ILE A 550 2.27 5.02 0.34
CA ILE A 550 2.74 6.37 0.09
C ILE A 550 3.47 6.44 -1.26
N LEU A 551 4.69 5.92 -1.32
CA LEU A 551 5.54 6.15 -2.48
C LEU A 551 4.96 5.51 -3.73
N HIS A 552 4.82 4.18 -3.73
CA HIS A 552 4.41 3.47 -4.94
C HIS A 552 3.07 3.97 -5.46
N LEU A 553 2.09 4.15 -4.58
CA LEU A 553 0.78 4.63 -5.03
C LEU A 553 0.87 6.05 -5.61
N LEU A 554 1.60 6.94 -4.95
CA LEU A 554 1.77 8.28 -5.50
C LEU A 554 2.51 8.24 -6.84
N TYR A 555 3.52 7.38 -6.95
CA TYR A 555 4.24 7.25 -8.22
C TYR A 555 3.32 6.74 -9.31
N ALA A 556 2.50 5.73 -8.99
CA ALA A 556 1.60 5.16 -9.98
C ALA A 556 0.55 6.17 -10.43
N ARG A 557 0.09 7.02 -9.51
CA ARG A 557 -0.88 8.05 -9.88
C ARG A 557 -0.21 9.13 -10.71
N PHE A 558 1.02 9.49 -10.33
CA PHE A 558 1.81 10.44 -11.11
C PHE A 558 2.04 9.94 -12.53
N PHE A 559 2.44 8.69 -12.68
CA PHE A 559 2.72 8.18 -14.02
C PHE A 559 1.45 8.14 -14.86
N THR A 560 0.31 7.84 -14.25
CA THR A 560 -0.94 7.78 -14.99
C THR A 560 -1.28 9.14 -15.58
N LYS A 561 -1.15 10.20 -14.77
CA LYS A 561 -1.40 11.55 -15.27
C LYS A 561 -0.36 11.94 -16.33
N LEU A 562 0.87 11.47 -16.20
CA LEU A 562 1.87 11.71 -17.24
C LEU A 562 1.46 11.04 -18.54
N MET A 563 1.11 9.75 -18.48
CA MET A 563 0.70 9.01 -19.67
C MET A 563 -0.58 9.57 -20.26
N ARG A 564 -1.53 9.96 -19.41
CA ARG A 564 -2.74 10.62 -19.88
C ARG A 564 -2.41 11.88 -20.67
N ASP A 565 -1.53 12.72 -20.12
CA ASP A 565 -1.16 13.95 -20.81
C ASP A 565 -0.33 13.69 -22.05
N GLU A 566 0.31 12.54 -22.17
CA GLU A 566 0.96 12.18 -23.42
C GLU A 566 -0.01 11.68 -24.47
N GLY A 567 -1.28 11.49 -24.11
CA GLY A 567 -2.24 10.91 -25.03
C GLY A 567 -2.28 9.41 -25.07
N LEU A 568 -1.70 8.74 -24.07
CA LEU A 568 -1.65 7.28 -24.07
C LEU A 568 -2.82 6.63 -23.35
N VAL A 569 -3.43 7.29 -22.36
CA VAL A 569 -4.53 6.71 -21.59
C VAL A 569 -5.59 7.77 -21.33
N ASN A 570 -6.78 7.30 -20.94
CA ASN A 570 -7.97 8.12 -20.82
C ASN A 570 -8.45 8.26 -19.38
N VAL A 571 -7.65 7.87 -18.41
CA VAL A 571 -8.04 7.92 -17.01
C VAL A 571 -7.17 8.95 -16.30
N ASP A 572 -7.74 9.54 -15.24
CA ASP A 572 -6.98 10.40 -14.35
C ASP A 572 -6.34 9.61 -13.21
N GLU A 573 -6.94 8.47 -12.83
CA GLU A 573 -6.51 7.69 -11.69
C GLU A 573 -6.43 6.22 -12.06
N PRO A 574 -5.38 5.55 -11.63
CA PRO A 574 -5.16 4.15 -12.04
C PRO A 574 -5.99 3.12 -11.27
N PHE A 575 -6.31 3.36 -10.00
CA PHE A 575 -6.92 2.35 -9.15
C PHE A 575 -8.22 2.88 -8.53
N GLU A 576 -9.32 2.19 -8.81
CA GLU A 576 -10.62 2.61 -8.27
C GLU A 576 -10.79 2.19 -6.82
N ARG A 577 -10.76 0.88 -6.55
CA ARG A 577 -10.86 0.37 -5.19
C ARG A 577 -9.48 -0.09 -4.72
N LEU A 578 -9.21 0.12 -3.44
CA LEU A 578 -7.91 -0.21 -2.86
C LEU A 578 -8.13 -1.00 -1.57
N LEU A 579 -7.66 -2.23 -1.55
CA LEU A 579 -7.67 -3.06 -0.35
C LEU A 579 -6.24 -3.28 0.09
N THR A 580 -5.94 -3.01 1.35
CA THR A 580 -4.61 -3.20 1.89
C THR A 580 -4.61 -4.39 2.84
N GLN A 581 -3.69 -5.33 2.61
CA GLN A 581 -3.63 -6.56 3.39
C GLN A 581 -2.73 -6.37 4.61
N GLY A 582 -3.12 -6.99 5.73
CA GLY A 582 -2.28 -7.02 6.90
C GLY A 582 -1.05 -7.91 6.71
N MET A 583 -0.21 -7.93 7.74
CA MET A 583 1.00 -8.74 7.74
C MET A 583 0.70 -10.16 8.22
N VAL A 584 1.64 -11.05 7.95
CA VAL A 584 1.61 -12.41 8.50
C VAL A 584 2.69 -12.50 9.56
N VAL A 585 2.31 -12.99 10.75
CA VAL A 585 3.18 -13.08 11.91
C VAL A 585 3.24 -14.52 12.37
N CYS A 586 4.27 -14.81 13.16
CA CYS A 586 4.51 -16.17 13.59
C CYS A 586 5.42 -16.17 14.82
N GLU A 587 5.22 -17.17 15.68
CA GLU A 587 6.08 -17.38 16.83
C GLU A 587 7.53 -17.61 16.38
N THR A 588 8.46 -17.25 17.26
CA THR A 588 9.90 -17.37 17.02
C THR A 588 10.52 -18.36 17.98
N TYR A 589 11.59 -19.03 17.54
CA TYR A 589 12.28 -20.04 18.34
C TYR A 589 13.77 -19.95 18.09
N TYR A 590 14.54 -20.24 19.14
CA TYR A 590 16.00 -20.22 19.04
C TYR A 590 16.58 -21.25 19.99
N ARG A 591 17.91 -21.37 19.95
CA ARG A 591 18.68 -22.12 20.94
C ARG A 591 20.02 -21.41 21.06
N GLU A 592 20.45 -21.17 22.30
CA GLU A 592 21.52 -20.20 22.54
C GLU A 592 22.85 -20.71 21.99
N ASN A 593 23.72 -19.75 21.71
CA ASN A 593 25.03 -19.99 21.10
C ASN A 593 26.12 -19.92 22.16
N ASP A 594 27.36 -20.07 21.69
CA ASP A 594 28.57 -20.01 22.51
C ASP A 594 28.54 -18.96 23.62
N LYS A 598 22.41 -15.99 19.73
CA LYS A 598 21.36 -16.93 19.38
C LYS A 598 21.37 -17.23 17.89
N ASP A 599 20.85 -18.40 17.53
CA ASP A 599 20.64 -18.78 16.13
C ASP A 599 19.20 -19.28 16.01
N TRP A 600 18.36 -18.50 15.35
CA TRP A 600 16.93 -18.75 15.33
C TRP A 600 16.58 -19.91 14.41
N ILE A 601 15.72 -20.79 14.90
CA ILE A 601 15.33 -21.99 14.17
C ILE A 601 13.95 -21.78 13.56
N ASN A 602 13.76 -22.28 12.34
CA ASN A 602 12.49 -22.16 11.63
C ASN A 602 11.41 -22.95 12.35
N PRO A 603 10.16 -22.44 12.38
CA PRO A 603 9.09 -23.17 13.07
C PRO A 603 8.79 -24.55 12.49
N ALA A 604 8.92 -24.73 11.17
CA ALA A 604 8.60 -26.03 10.57
C ALA A 604 9.56 -27.11 11.02
N ASP A 605 10.77 -26.75 11.44
CA ASP A 605 11.75 -27.70 11.94
C ASP A 605 11.61 -27.95 13.44
N VAL A 606 10.45 -27.64 14.02
CA VAL A 606 10.24 -27.71 15.47
C VAL A 606 8.90 -28.37 15.75
N GLU A 607 8.87 -29.28 16.72
CA GLU A 607 7.66 -29.82 17.30
C GLU A 607 7.55 -29.37 18.75
N LEU A 608 6.32 -29.25 19.24
CA LEU A 608 6.10 -28.78 20.60
C LEU A 608 5.36 -29.84 21.42
N THR A 609 5.72 -29.93 22.70
CA THR A 609 5.15 -30.91 23.61
C THR A 609 3.64 -30.77 23.73
N GLY A 614 -4.92 -32.68 27.93
CA GLY A 614 -3.55 -32.42 27.50
C GLY A 614 -3.34 -30.98 27.09
N ARG A 615 -2.37 -30.31 27.72
CA ARG A 615 -2.05 -28.92 27.44
C ARG A 615 -0.62 -28.80 26.94
N PRO A 616 -0.36 -27.92 25.98
CA PRO A 616 1.01 -27.75 25.47
C PRO A 616 1.92 -27.14 26.53
N VAL A 617 3.12 -27.71 26.66
CA VAL A 617 4.07 -27.28 27.68
C VAL A 617 5.23 -26.51 27.03
N SER A 618 6.16 -27.24 26.40
CA SER A 618 7.33 -26.61 25.79
C SER A 618 7.50 -27.06 24.34
N ALA A 619 8.63 -26.72 23.72
CA ALA A 619 8.91 -27.10 22.34
C ALA A 619 10.30 -27.71 22.24
N VAL A 620 10.47 -28.56 21.22
CA VAL A 620 11.73 -29.29 20.98
C VAL A 620 12.03 -29.23 19.48
N LEU A 621 13.24 -29.64 19.13
CA LEU A 621 13.63 -29.73 17.74
C LEU A 621 13.18 -31.06 17.15
N LYS A 622 12.76 -31.04 15.87
CA LYS A 622 12.25 -32.25 15.23
C LYS A 622 13.37 -33.24 14.93
N ALA A 623 14.46 -32.76 14.33
CA ALA A 623 15.55 -33.65 13.93
C ALA A 623 16.21 -34.30 15.14
N ASP A 624 16.47 -33.50 16.18
CA ASP A 624 17.09 -33.99 17.40
C ASP A 624 16.03 -34.50 18.37
N GLY A 625 15.53 -33.61 19.22
CA GLY A 625 14.54 -33.99 20.19
C GLY A 625 14.77 -33.31 21.53
N LEU A 626 15.93 -32.66 21.67
CA LEU A 626 16.17 -31.93 22.91
C LEU A 626 15.51 -30.55 22.83
N PRO A 627 15.15 -29.97 23.96
CA PRO A 627 14.25 -28.81 23.95
C PRO A 627 14.84 -27.58 23.27
N VAL A 628 13.94 -26.75 22.73
CA VAL A 628 14.26 -25.41 22.27
C VAL A 628 13.44 -24.42 23.11
N VAL A 629 13.76 -23.13 22.96
CA VAL A 629 13.13 -22.06 23.73
C VAL A 629 12.24 -21.24 22.80
N ILE A 630 11.06 -20.90 23.30
CA ILE A 630 10.02 -20.23 22.53
C ILE A 630 10.07 -18.73 22.84
N SER A 631 10.13 -17.91 21.80
CA SER A 631 10.19 -16.46 21.93
C SER A 631 8.85 -15.84 21.52
N GLY A 632 8.86 -14.54 21.20
CA GLY A 632 7.64 -13.81 20.94
C GLY A 632 7.16 -13.92 19.49
N THR A 633 5.92 -13.48 19.29
CA THR A 633 5.29 -13.46 17.98
C THR A 633 5.63 -12.15 17.27
N GLU A 634 5.96 -12.25 15.98
CA GLU A 634 6.24 -11.08 15.17
C GLU A 634 6.17 -11.47 13.70
N LYS A 635 6.26 -10.45 12.85
CA LYS A 635 6.13 -10.65 11.41
C LYS A 635 7.18 -11.62 10.89
N MET A 636 6.77 -12.49 9.96
CA MET A 636 7.70 -13.46 9.39
C MET A 636 8.83 -12.74 8.68
N SER A 637 10.06 -13.21 8.91
CA SER A 637 11.23 -12.55 8.34
C SER A 637 12.40 -13.53 8.35
N LYS A 638 13.44 -13.18 7.60
CA LYS A 638 14.72 -13.86 7.72
C LYS A 638 15.47 -13.47 8.98
N SER A 639 15.07 -12.37 9.62
CA SER A 639 15.78 -11.89 10.80
C SER A 639 15.72 -12.89 11.95
N LYS A 640 14.52 -13.40 12.23
CA LYS A 640 14.32 -14.37 13.31
C LYS A 640 13.88 -15.73 12.78
N ASN A 641 14.00 -15.96 11.47
CA ASN A 641 13.82 -17.28 10.86
C ASN A 641 12.47 -17.89 11.22
N ASN A 642 11.44 -17.04 11.32
CA ASN A 642 10.09 -17.49 11.65
C ASN A 642 9.19 -17.51 10.43
N GLY A 643 9.77 -17.47 9.22
CA GLY A 643 8.99 -17.57 8.01
C GLY A 643 8.60 -19.01 7.70
N VAL A 644 7.30 -19.26 7.56
CA VAL A 644 6.78 -20.59 7.29
C VAL A 644 6.67 -20.75 5.77
N ASP A 645 7.48 -21.63 5.21
CA ASP A 645 7.48 -21.86 3.77
C ASP A 645 6.11 -22.34 3.30
N PRO A 646 5.43 -21.59 2.43
CA PRO A 646 4.11 -22.04 1.95
C PRO A 646 4.18 -23.35 1.17
N GLN A 647 5.32 -23.68 0.56
CA GLN A 647 5.41 -24.92 -0.20
C GLN A 647 5.21 -26.14 0.70
N GLU A 648 5.75 -26.09 1.92
CA GLU A 648 5.52 -27.19 2.85
C GLU A 648 4.05 -27.30 3.25
N LEU A 649 3.32 -26.17 3.22
CA LEU A 649 1.89 -26.20 3.50
C LEU A 649 1.12 -26.82 2.32
N ILE A 650 1.47 -26.43 1.10
CA ILE A 650 0.91 -27.09 -0.08
C ILE A 650 1.16 -28.58 -0.04
N ASN A 651 2.41 -28.99 0.28
CA ASN A 651 2.78 -30.40 0.23
C ASN A 651 2.04 -31.22 1.29
N ALA A 652 1.80 -30.63 2.46
CA ALA A 652 1.21 -31.37 3.56
C ALA A 652 -0.31 -31.48 3.42
N TYR A 653 -0.96 -30.42 2.92
CA TYR A 653 -2.41 -30.32 2.95
C TYR A 653 -3.08 -29.99 1.63
N GLY A 654 -2.35 -29.50 0.63
CA GLY A 654 -2.98 -29.08 -0.59
C GLY A 654 -3.21 -27.58 -0.64
N ALA A 655 -3.44 -27.08 -1.86
CA ALA A 655 -3.61 -25.65 -2.05
C ALA A 655 -4.92 -25.14 -1.46
N ASP A 656 -6.00 -25.95 -1.49
CA ASP A 656 -7.27 -25.45 -0.99
C ASP A 656 -7.19 -25.17 0.51
N THR A 657 -6.51 -26.04 1.26
CA THR A 657 -6.36 -25.79 2.70
C THR A 657 -5.55 -24.52 2.96
N ALA A 658 -4.49 -24.30 2.19
CA ALA A 658 -3.72 -23.08 2.35
C ALA A 658 -4.61 -21.85 2.11
N ARG A 659 -5.39 -21.88 1.02
CA ARG A 659 -6.24 -20.74 0.69
C ARG A 659 -7.33 -20.52 1.73
N LEU A 660 -7.95 -21.61 2.20
CA LEU A 660 -8.99 -21.49 3.21
C LEU A 660 -8.44 -20.91 4.51
N PHE A 661 -7.30 -21.45 4.98
CA PHE A 661 -6.78 -21.02 6.28
C PHE A 661 -6.47 -19.53 6.29
N MET A 662 -5.95 -18.99 5.19
CA MET A 662 -5.60 -17.58 5.18
C MET A 662 -6.80 -16.67 5.04
N MET A 663 -7.88 -17.14 4.42
CA MET A 663 -9.08 -16.32 4.31
C MET A 663 -9.97 -16.41 5.54
N PHE A 664 -9.83 -17.47 6.35
CA PHE A 664 -10.66 -17.65 7.53
C PHE A 664 -10.03 -17.10 8.79
N ALA A 665 -8.69 -17.13 8.87
CA ALA A 665 -8.00 -16.82 10.12
C ALA A 665 -8.15 -15.35 10.50
N ALA A 666 -8.21 -14.43 9.54
CA ALA A 666 -8.31 -13.01 9.86
C ALA A 666 -8.89 -12.27 8.66
N PRO A 667 -9.62 -11.18 8.90
CA PRO A 667 -10.00 -10.28 7.80
C PRO A 667 -8.76 -9.76 7.09
N PRO A 668 -8.89 -9.39 5.80
CA PRO A 668 -7.69 -9.00 5.02
C PRO A 668 -6.85 -7.91 5.66
N GLU A 669 -7.47 -6.91 6.27
CA GLU A 669 -6.70 -5.82 6.85
C GLU A 669 -6.00 -6.21 8.15
N GLN A 670 -6.59 -7.13 8.91
CA GLN A 670 -6.01 -7.52 10.20
CA GLN A 670 -5.99 -7.50 10.19
C GLN A 670 -4.78 -8.40 9.98
N SER A 671 -3.89 -8.38 10.97
CA SER A 671 -2.71 -9.25 10.93
C SER A 671 -3.11 -10.71 11.11
N LEU A 672 -2.50 -11.59 10.33
CA LEU A 672 -2.80 -13.01 10.32
C LEU A 672 -1.74 -13.76 11.14
N GLU A 673 -2.18 -14.45 12.19
CA GLU A 673 -1.29 -15.21 13.06
C GLU A 673 -1.22 -16.64 12.56
N TRP A 674 -0.01 -17.10 12.27
CA TRP A 674 0.18 -18.49 11.84
C TRP A 674 -0.21 -19.44 12.97
N SER A 675 -0.99 -20.46 12.64
CA SER A 675 -1.49 -21.42 13.62
C SER A 675 -1.52 -22.81 13.01
N ASP A 676 -0.78 -23.75 13.62
CA ASP A 676 -0.85 -25.13 13.17
C ASP A 676 -2.25 -25.70 13.40
N SER A 677 -2.84 -25.39 14.55
CA SER A 677 -4.20 -25.83 14.84
C SER A 677 -5.19 -25.26 13.84
N GLY A 678 -5.04 -23.97 13.49
CA GLY A 678 -5.92 -23.38 12.51
C GLY A 678 -5.82 -24.06 11.16
N VAL A 679 -4.61 -24.41 10.74
CA VAL A 679 -4.44 -25.04 9.43
C VAL A 679 -5.12 -26.40 9.40
N GLU A 680 -4.95 -27.18 10.49
CA GLU A 680 -5.64 -28.46 10.59
C GLU A 680 -7.16 -28.28 10.56
N GLY A 681 -7.67 -27.26 11.26
CA GLY A 681 -9.09 -27.00 11.24
C GLY A 681 -9.63 -26.73 9.85
N ALA A 682 -8.90 -25.92 9.07
CA ALA A 682 -9.31 -25.68 7.68
C ALA A 682 -9.36 -26.98 6.90
N HIS A 683 -8.33 -27.83 7.03
CA HIS A 683 -8.33 -29.09 6.31
C HIS A 683 -9.52 -29.97 6.74
N ARG A 684 -9.82 -30.00 8.05
CA ARG A 684 -10.97 -30.80 8.50
C ARG A 684 -12.28 -30.28 7.93
N PHE A 685 -12.42 -28.96 7.77
CA PHE A 685 -13.65 -28.45 7.17
C PHE A 685 -13.79 -28.92 5.73
N LEU A 686 -12.69 -28.99 4.99
CA LEU A 686 -12.77 -29.48 3.62
C LEU A 686 -13.10 -30.97 3.59
N ARG A 687 -12.54 -31.75 4.52
CA ARG A 687 -12.97 -33.14 4.65
C ARG A 687 -14.46 -33.24 4.94
N ARG A 688 -14.96 -32.40 5.86
CA ARG A 688 -16.38 -32.40 6.17
C ARG A 688 -17.21 -32.05 4.94
N LEU A 689 -16.80 -30.98 4.24
CA LEU A 689 -17.46 -30.62 2.98
C LEU A 689 -17.48 -31.79 2.01
N TRP A 690 -16.36 -32.50 1.88
CA TRP A 690 -16.32 -33.67 1.00
C TRP A 690 -17.27 -34.75 1.48
N ARG A 691 -17.24 -35.05 2.79
CA ARG A 691 -18.10 -36.09 3.35
C ARG A 691 -19.58 -35.75 3.20
N THR A 692 -19.93 -34.47 3.32
CA THR A 692 -21.34 -34.08 3.25
C THR A 692 -21.92 -34.37 1.87
N VAL A 693 -21.22 -33.96 0.81
CA VAL A 693 -21.67 -34.25 -0.55
C VAL A 693 -21.66 -35.76 -0.82
N TYR A 694 -20.59 -36.44 -0.43
CA TYR A 694 -20.48 -37.88 -0.68
C TYR A 694 -21.64 -38.64 -0.06
N GLU A 695 -21.90 -38.42 1.24
CA GLU A 695 -23.01 -39.08 1.89
C GLU A 695 -24.34 -38.74 1.23
N TYR A 696 -24.47 -37.52 0.73
CA TYR A 696 -25.70 -37.11 0.07
C TYR A 696 -25.94 -37.89 -1.22
N LEU A 697 -24.90 -37.99 -2.05
CA LEU A 697 -25.01 -38.73 -3.30
C LEU A 697 -25.14 -40.22 -3.09
N LYS A 698 -24.56 -40.77 -2.02
CA LYS A 698 -24.63 -42.22 -1.86
C LYS A 698 -26.01 -42.70 -1.42
N GLN A 699 -26.88 -41.80 -0.99
CA GLN A 699 -28.25 -42.20 -0.70
C GLN A 699 -29.22 -41.60 -1.72
N GLY A 700 -29.06 -41.97 -2.99
CA GLY A 700 -30.00 -41.55 -4.00
C GLY A 700 -29.37 -40.92 -5.24
N GLY A 701 -28.24 -40.27 -5.07
CA GLY A 701 -27.66 -39.53 -6.17
C GLY A 701 -28.32 -38.18 -6.36
N ALA A 702 -27.94 -37.52 -7.45
CA ALA A 702 -28.37 -36.15 -7.69
C ALA A 702 -29.84 -36.09 -8.11
N VAL A 703 -30.49 -34.98 -7.78
CA VAL A 703 -31.84 -34.67 -8.24
C VAL A 703 -31.88 -33.22 -8.71
N LYS A 704 -33.02 -32.80 -9.24
CA LYS A 704 -33.20 -31.41 -9.65
C LYS A 704 -33.34 -30.55 -8.41
N ALA A 705 -32.59 -29.45 -8.35
CA ALA A 705 -32.62 -28.60 -7.17
C ALA A 705 -34.00 -27.98 -7.01
N PHE A 706 -34.43 -27.85 -5.76
CA PHE A 706 -35.71 -27.20 -5.50
C PHE A 706 -35.70 -25.78 -6.04
N ALA A 707 -36.78 -25.42 -6.74
CA ALA A 707 -36.90 -24.08 -7.29
C ALA A 707 -38.37 -23.68 -7.32
N GLY A 708 -38.64 -22.40 -7.04
CA GLY A 708 -39.97 -21.86 -7.20
C GLY A 708 -40.81 -21.76 -5.94
N ASN A 709 -42.12 -21.87 -6.13
CA ASN A 709 -43.10 -21.70 -5.07
C ASN A 709 -42.90 -22.75 -3.97
N GLN A 710 -42.54 -22.30 -2.78
CA GLN A 710 -42.28 -23.20 -1.67
C GLN A 710 -43.47 -23.40 -0.75
N ASP A 711 -44.64 -22.92 -1.14
CA ASP A 711 -45.86 -23.26 -0.41
C ASP A 711 -46.13 -24.74 -0.51
N GLY A 712 -46.22 -25.42 0.64
CA GLY A 712 -46.37 -26.85 0.70
C GLY A 712 -45.17 -27.57 1.29
N LEU A 713 -44.02 -26.91 1.36
CA LEU A 713 -42.87 -27.47 2.04
C LEU A 713 -43.13 -27.52 3.54
N SER A 714 -42.49 -28.46 4.21
CA SER A 714 -42.59 -28.50 5.66
C SER A 714 -41.89 -27.28 6.27
N LYS A 715 -42.23 -27.01 7.53
CA LYS A 715 -41.62 -25.87 8.22
C LYS A 715 -40.11 -26.03 8.32
N GLU A 716 -39.63 -27.26 8.53
CA GLU A 716 -38.20 -27.51 8.64
C GLU A 716 -37.46 -27.28 7.33
N LEU A 717 -38.10 -27.56 6.20
CA LEU A 717 -37.47 -27.30 4.90
C LEU A 717 -37.68 -25.87 4.44
N LYS A 718 -38.76 -25.21 4.87
CA LYS A 718 -38.84 -23.77 4.64
C LYS A 718 -37.76 -23.04 5.43
N ASP A 719 -37.52 -23.47 6.68
CA ASP A 719 -36.48 -22.83 7.50
C ASP A 719 -35.08 -23.05 6.95
N LEU A 720 -34.81 -24.22 6.37
CA LEU A 720 -33.51 -24.44 5.74
C LEU A 720 -33.35 -23.59 4.48
N ARG A 721 -34.43 -23.41 3.69
CA ARG A 721 -34.32 -22.54 2.52
C ARG A 721 -34.21 -21.08 2.92
N HIS A 722 -34.79 -20.70 4.06
CA HIS A 722 -34.56 -19.36 4.57
C HIS A 722 -33.09 -19.18 4.95
N LYS A 723 -32.49 -20.18 5.60
CA LYS A 723 -31.08 -20.10 5.96
C LYS A 723 -30.21 -20.03 4.72
N LEU A 724 -30.56 -20.80 3.68
CA LEU A 724 -29.77 -20.84 2.44
C LEU A 724 -29.72 -19.46 1.78
N HIS A 725 -30.87 -18.88 1.50
CA HIS A 725 -30.91 -17.64 0.75
C HIS A 725 -30.47 -16.44 1.59
N SER A 726 -30.56 -16.56 2.92
CA SER A 726 -29.93 -15.58 3.80
C SER A 726 -28.41 -15.72 3.80
N THR A 727 -27.91 -16.95 3.71
CA THR A 727 -26.46 -17.13 3.62
C THR A 727 -25.93 -16.65 2.28
N THR A 728 -26.68 -16.93 1.20
CA THR A 728 -26.29 -16.42 -0.11
C THR A 728 -26.23 -14.90 -0.12
N ALA A 729 -27.21 -14.23 0.50
CA ALA A 729 -27.19 -12.77 0.57
C ALA A 729 -26.06 -12.26 1.44
N LYS A 730 -25.84 -12.90 2.59
CA LYS A 730 -24.72 -12.51 3.46
C LYS A 730 -23.38 -12.66 2.75
N VAL A 731 -23.12 -13.83 2.15
CA VAL A 731 -21.85 -14.08 1.50
C VAL A 731 -21.63 -13.10 0.34
N SER A 732 -22.67 -12.88 -0.48
CA SER A 732 -22.56 -11.95 -1.59
C SER A 732 -22.19 -10.57 -1.11
N ASP A 733 -22.70 -10.17 0.05
CA ASP A 733 -22.36 -8.85 0.57
C ASP A 733 -20.98 -8.84 1.21
N ASP A 734 -20.53 -9.98 1.76
CA ASP A 734 -19.17 -10.03 2.29
C ASP A 734 -18.13 -10.00 1.17
N TYR A 735 -18.41 -10.62 0.02
CA TYR A 735 -17.46 -10.61 -1.08
C TYR A 735 -17.42 -9.26 -1.79
N GLY A 736 -18.59 -8.72 -2.13
CA GLY A 736 -18.65 -7.54 -2.97
C GLY A 736 -18.54 -6.22 -2.24
N ARG A 737 -19.07 -6.15 -1.03
CA ARG A 737 -19.14 -4.89 -0.29
C ARG A 737 -18.13 -4.85 0.85
N ARG A 738 -18.27 -5.74 1.84
CA ARG A 738 -17.42 -5.68 3.03
CA ARG A 738 -17.42 -5.67 3.04
C ARG A 738 -16.01 -6.20 2.79
N GLN A 739 -15.81 -7.06 1.78
CA GLN A 739 -14.52 -7.71 1.52
C GLN A 739 -13.96 -8.28 2.82
N GLN A 740 -14.79 -9.08 3.48
CA GLN A 740 -14.50 -9.72 4.76
C GLN A 740 -14.83 -11.19 4.57
N PHE A 741 -13.83 -11.96 4.14
CA PHE A 741 -14.07 -13.33 3.68
C PHE A 741 -14.18 -14.33 4.82
N ASN A 742 -13.66 -14.01 6.00
CA ASN A 742 -13.73 -14.94 7.11
C ASN A 742 -15.16 -15.10 7.61
N THR A 743 -15.95 -14.00 7.61
CA THR A 743 -17.35 -14.09 8.00
C THR A 743 -18.19 -14.78 6.92
N ALA A 744 -17.80 -14.65 5.65
CA ALA A 744 -18.50 -15.39 4.60
C ALA A 744 -18.31 -16.90 4.76
N ILE A 745 -17.11 -17.32 5.18
CA ILE A 745 -16.87 -18.73 5.46
C ILE A 745 -17.71 -19.18 6.65
N ALA A 746 -17.76 -18.35 7.70
CA ALA A 746 -18.55 -18.72 8.88
C ALA A 746 -20.02 -18.91 8.52
N ALA A 747 -20.53 -18.09 7.60
CA ALA A 747 -21.95 -18.14 7.23
C ALA A 747 -22.27 -19.44 6.50
N VAL A 748 -21.38 -19.89 5.61
CA VAL A 748 -21.57 -21.18 4.97
C VAL A 748 -21.46 -22.30 5.99
N MET A 749 -20.57 -22.14 6.98
CA MET A 749 -20.49 -23.13 8.05
C MET A 749 -21.80 -23.25 8.80
N GLU A 750 -22.48 -22.12 9.04
CA GLU A 750 -23.77 -22.18 9.73
C GLU A 750 -24.85 -22.78 8.85
N LEU A 751 -24.81 -22.52 7.54
CA LEU A 751 -25.74 -23.19 6.63
C LEU A 751 -25.58 -24.70 6.68
N LEU A 752 -24.33 -25.19 6.69
CA LEU A 752 -24.08 -26.63 6.78
C LEU A 752 -24.50 -27.20 8.13
N ASN A 753 -24.40 -26.41 9.20
CA ASN A 753 -24.85 -26.90 10.51
C ASN A 753 -26.35 -27.15 10.52
N GLN A 754 -27.14 -26.19 10.02
CA GLN A 754 -28.60 -26.35 9.99
C GLN A 754 -29.02 -27.45 9.04
N TYR A 755 -28.35 -27.56 7.89
CA TYR A 755 -28.56 -28.69 7.00
C TYR A 755 -28.37 -30.01 7.75
N ASP A 756 -27.33 -30.10 8.59
CA ASP A 756 -27.04 -31.36 9.28
C ASP A 756 -28.12 -31.74 10.28
N LYS A 757 -28.78 -30.76 10.90
CA LYS A 757 -29.87 -30.99 11.82
C LYS A 757 -31.23 -31.09 11.14
N THR A 758 -31.29 -31.07 9.81
CA THR A 758 -32.55 -31.12 9.08
C THR A 758 -32.70 -32.47 8.38
N ASP A 759 -33.86 -33.09 8.56
CA ASP A 759 -34.18 -34.36 7.90
C ASP A 759 -34.49 -34.05 6.44
N THR A 760 -33.51 -34.32 5.56
CA THR A 760 -33.67 -34.09 4.13
C THR A 760 -33.86 -35.40 3.37
N GLY A 761 -34.55 -36.37 3.98
CA GLY A 761 -34.72 -37.68 3.39
C GLY A 761 -35.88 -37.85 2.44
N SER A 762 -36.91 -37.03 2.57
CA SER A 762 -38.07 -37.16 1.70
C SER A 762 -37.75 -36.67 0.30
N GLU A 763 -38.72 -36.84 -0.60
CA GLU A 763 -38.56 -36.40 -1.98
C GLU A 763 -38.35 -34.89 -2.05
N GLN A 764 -39.20 -34.12 -1.38
CA GLN A 764 -38.96 -32.68 -1.29
C GLN A 764 -37.73 -32.38 -0.44
N GLY A 765 -37.38 -33.28 0.50
CA GLY A 765 -36.17 -33.09 1.28
C GLY A 765 -34.91 -33.22 0.44
N ARG A 766 -34.88 -34.19 -0.48
CA ARG A 766 -33.73 -34.30 -1.38
C ARG A 766 -33.59 -33.06 -2.25
N ALA A 767 -34.72 -32.53 -2.75
CA ALA A 767 -34.66 -31.37 -3.61
C ALA A 767 -34.09 -30.15 -2.90
N VAL A 768 -34.45 -29.95 -1.63
CA VAL A 768 -33.90 -28.83 -0.87
C VAL A 768 -32.43 -29.08 -0.53
N ALA A 769 -32.07 -30.34 -0.25
CA ALA A 769 -30.67 -30.69 -0.04
C ALA A 769 -29.82 -30.39 -1.27
N GLN A 770 -30.30 -30.81 -2.44
CA GLN A 770 -29.60 -30.48 -3.69
C GLN A 770 -29.40 -28.98 -3.84
N GLU A 771 -30.43 -28.19 -3.52
CA GLU A 771 -30.32 -26.74 -3.65
C GLU A 771 -29.28 -26.19 -2.68
N VAL A 772 -29.29 -26.69 -1.43
CA VAL A 772 -28.34 -26.23 -0.43
C VAL A 772 -26.91 -26.49 -0.87
N LEU A 773 -26.63 -27.72 -1.33
CA LEU A 773 -25.27 -28.09 -1.68
C LEU A 773 -24.81 -27.38 -2.94
N GLU A 774 -25.69 -27.27 -3.95
CA GLU A 774 -25.32 -26.58 -5.18
C GLU A 774 -24.97 -25.13 -4.91
N ALA A 775 -25.62 -24.51 -3.93
CA ALA A 775 -25.28 -23.15 -3.55
C ALA A 775 -23.99 -23.10 -2.75
N ALA A 776 -23.84 -23.98 -1.76
CA ALA A 776 -22.69 -23.84 -0.87
C ALA A 776 -21.37 -24.10 -1.60
N VAL A 777 -21.37 -24.94 -2.64
CA VAL A 777 -20.14 -25.18 -3.39
C VAL A 777 -19.85 -24.01 -4.33
N ARG A 778 -20.90 -23.35 -4.82
CA ARG A 778 -20.66 -22.15 -5.61
C ARG A 778 -20.31 -20.95 -4.74
N LEU A 779 -20.84 -20.90 -3.52
CA LEU A 779 -20.47 -19.82 -2.59
C LEU A 779 -19.02 -19.93 -2.15
N LEU A 780 -18.49 -21.15 -2.02
CA LEU A 780 -17.12 -21.39 -1.57
C LEU A 780 -16.12 -21.45 -2.71
N TRP A 781 -16.57 -21.55 -3.96
CA TRP A 781 -15.65 -21.69 -5.09
C TRP A 781 -14.61 -20.58 -5.20
N PRO A 782 -14.90 -19.30 -4.97
CA PRO A 782 -13.82 -18.30 -5.03
C PRO A 782 -12.72 -18.54 -4.01
N ILE A 783 -13.03 -19.16 -2.86
CA ILE A 783 -12.02 -19.43 -1.84
C ILE A 783 -11.32 -20.76 -2.07
N VAL A 784 -12.06 -21.83 -2.34
CA VAL A 784 -11.46 -23.15 -2.51
C VAL A 784 -11.94 -23.74 -3.84
N PRO A 785 -11.45 -23.25 -4.98
CA PRO A 785 -12.04 -23.66 -6.26
C PRO A 785 -11.81 -25.12 -6.61
N HIS A 786 -10.73 -25.74 -6.15
CA HIS A 786 -10.43 -27.10 -6.60
C HIS A 786 -11.50 -28.07 -6.10
N ILE A 787 -11.70 -28.14 -4.78
CA ILE A 787 -12.68 -29.08 -4.24
C ILE A 787 -14.11 -28.71 -4.63
N CYS A 788 -14.41 -27.42 -4.80
CA CYS A 788 -15.76 -27.04 -5.21
C CYS A 788 -16.03 -27.36 -6.67
N GLU A 789 -15.02 -27.21 -7.53
CA GLU A 789 -15.17 -27.66 -8.91
C GLU A 789 -15.44 -29.16 -8.96
N THR A 790 -14.68 -29.93 -8.17
CA THR A 790 -14.86 -31.38 -8.16
C THR A 790 -16.24 -31.76 -7.61
N LEU A 791 -16.64 -31.14 -6.49
CA LEU A 791 -17.94 -31.46 -5.89
C LEU A 791 -19.08 -31.05 -6.80
N TRP A 792 -18.95 -29.90 -7.47
CA TRP A 792 -19.99 -29.44 -8.39
C TRP A 792 -20.22 -30.41 -9.54
N SER A 793 -19.15 -31.03 -10.05
CA SER A 793 -19.29 -31.96 -11.16
C SER A 793 -20.05 -33.20 -10.76
N GLU A 794 -19.97 -33.59 -9.48
CA GLU A 794 -20.73 -34.74 -8.99
C GLU A 794 -22.17 -34.39 -8.69
N LEU A 795 -22.47 -33.12 -8.43
CA LEU A 795 -23.83 -32.68 -8.13
C LEU A 795 -24.62 -32.29 -9.37
N ASN A 796 -23.96 -31.73 -10.38
CA ASN A 796 -24.65 -31.12 -11.50
C ASN A 796 -23.76 -31.19 -12.73
N GLY A 797 -24.39 -31.42 -13.90
CA GLY A 797 -23.64 -31.58 -15.14
C GLY A 797 -23.22 -30.28 -15.80
N ALA A 798 -23.88 -29.17 -15.48
CA ALA A 798 -23.55 -27.89 -16.09
C ALA A 798 -22.19 -27.41 -15.63
N LYS A 799 -21.56 -26.57 -16.45
CA LYS A 799 -20.28 -25.98 -16.09
C LYS A 799 -20.46 -24.95 -14.98
N LEU A 800 -19.66 -25.09 -13.91
CA LEU A 800 -19.86 -24.28 -12.71
C LEU A 800 -19.88 -22.78 -13.04
N TRP A 801 -18.92 -22.31 -13.82
CA TRP A 801 -18.85 -20.90 -14.15
C TRP A 801 -19.99 -20.44 -15.03
N GLU A 802 -20.70 -21.37 -15.69
CA GLU A 802 -21.89 -21.00 -16.45
C GLU A 802 -23.17 -21.10 -15.63
N ALA A 803 -23.15 -21.82 -14.50
CA ALA A 803 -24.30 -21.78 -13.61
C ALA A 803 -24.41 -20.44 -12.92
N GLY A 804 -23.29 -19.75 -12.76
CA GLY A 804 -23.29 -18.40 -12.23
C GLY A 804 -23.38 -18.34 -10.71
N TRP A 805 -23.20 -17.13 -10.21
CA TRP A 805 -23.28 -16.89 -8.78
C TRP A 805 -24.70 -17.19 -8.29
N PRO A 806 -24.84 -17.84 -7.13
CA PRO A 806 -26.18 -18.18 -6.65
C PRO A 806 -27.05 -16.94 -6.50
N THR A 807 -28.30 -17.05 -6.93
CA THR A 807 -29.28 -15.99 -6.78
C THR A 807 -30.01 -16.11 -5.44
N VAL A 808 -30.42 -14.97 -4.92
CA VAL A 808 -31.21 -14.92 -3.68
C VAL A 808 -32.68 -15.00 -4.06
N ASP A 809 -33.37 -16.00 -3.50
CA ASP A 809 -34.81 -16.14 -3.71
C ASP A 809 -35.53 -15.39 -2.60
N GLU A 810 -36.05 -14.20 -2.93
CA GLU A 810 -36.70 -13.36 -1.93
C GLU A 810 -37.93 -14.04 -1.33
N ALA A 811 -38.60 -14.91 -2.10
CA ALA A 811 -39.76 -15.63 -1.58
C ALA A 811 -39.40 -16.52 -0.40
N ALA A 812 -38.17 -17.04 -0.35
CA ALA A 812 -37.74 -17.86 0.77
C ALA A 812 -37.47 -17.03 2.02
N LEU A 813 -37.33 -15.72 1.88
CA LEU A 813 -37.04 -14.83 2.99
C LEU A 813 -38.30 -14.33 3.69
N VAL A 814 -39.47 -14.56 3.11
CA VAL A 814 -40.73 -14.12 3.68
C VAL A 814 -41.27 -15.19 4.62
N LYS A 815 -41.76 -14.75 5.78
CA LYS A 815 -42.35 -15.63 6.78
C LYS A 815 -43.87 -15.67 6.64
N SER A 816 -44.46 -16.76 7.14
CA SER A 816 -45.91 -16.93 7.11
C SER A 816 -46.55 -16.43 8.41
N GLU A 819 -53.17 -14.29 9.98
CA GLU A 819 -54.11 -13.26 10.36
C GLU A 819 -55.38 -13.85 10.98
N VAL A 820 -55.61 -13.55 12.27
CA VAL A 820 -56.76 -14.05 13.00
C VAL A 820 -57.48 -12.89 13.66
N MET A 821 -58.78 -13.08 13.91
CA MET A 821 -59.60 -12.08 14.57
C MET A 821 -59.63 -12.34 16.07
N VAL A 822 -59.82 -11.26 16.84
CA VAL A 822 -59.84 -11.34 18.29
C VAL A 822 -61.00 -10.51 18.82
N GLN A 823 -61.94 -11.15 19.51
CA GLN A 823 -63.12 -10.50 20.04
C GLN A 823 -63.10 -10.52 21.57
N VAL A 824 -63.77 -9.55 22.17
CA VAL A 824 -63.87 -9.41 23.62
C VAL A 824 -65.33 -9.63 24.01
N ASN A 825 -65.60 -10.77 24.65
CA ASN A 825 -66.94 -11.12 25.14
C ASN A 825 -67.93 -11.27 23.98
N GLY A 826 -67.43 -11.77 22.84
CA GLY A 826 -68.28 -12.14 21.72
C GLY A 826 -68.17 -11.26 20.50
N LYS A 827 -68.06 -9.95 20.69
CA LYS A 827 -68.02 -8.99 19.60
C LYS A 827 -66.58 -8.52 19.36
N LEU A 828 -66.24 -8.30 18.09
CA LEU A 828 -64.91 -7.83 17.71
C LEU A 828 -64.59 -6.45 18.28
N ALA A 841 -52.84 -20.78 23.11
CA ALA A 841 -51.41 -20.98 23.38
C ALA A 841 -50.56 -20.09 22.48
N ASP A 842 -50.49 -20.43 21.19
CA ASP A 842 -49.71 -19.64 20.25
C ASP A 842 -50.38 -18.29 19.97
N LEU A 843 -51.68 -18.31 19.63
CA LEU A 843 -52.40 -17.08 19.31
C LEU A 843 -52.89 -16.35 20.56
N GLU A 844 -52.97 -17.03 21.70
CA GLU A 844 -53.40 -16.37 22.94
C GLU A 844 -52.32 -15.46 23.51
N ALA A 845 -51.04 -15.77 23.27
CA ALA A 845 -49.97 -14.94 23.80
C ALA A 845 -49.94 -13.57 23.13
N ALA A 846 -50.21 -13.53 21.82
CA ALA A 846 -50.18 -12.25 21.12
C ALA A 846 -51.52 -11.53 21.20
N ALA A 847 -52.62 -12.28 21.31
CA ALA A 847 -53.94 -11.66 21.38
C ALA A 847 -54.08 -10.81 22.64
N LEU A 848 -53.60 -11.33 23.77
CA LEU A 848 -53.64 -10.58 25.03
C LEU A 848 -52.75 -9.35 25.00
N ALA A 849 -51.89 -9.21 24.00
CA ALA A 849 -51.06 -8.02 23.81
C ALA A 849 -51.78 -6.91 23.07
N ASN A 850 -53.02 -7.14 22.63
CA ASN A 850 -53.80 -6.12 21.92
C ASN A 850 -54.53 -5.21 22.89
N ILE A 865 -60.93 -17.97 28.20
CA ILE A 865 -60.35 -17.64 26.90
C ILE A 865 -60.15 -18.90 26.08
N ILE A 866 -60.98 -19.08 25.05
CA ILE A 866 -60.88 -20.20 24.13
C ILE A 866 -60.41 -19.68 22.78
N VAL A 867 -59.68 -20.52 22.06
CA VAL A 867 -59.11 -20.16 20.77
C VAL A 867 -59.43 -21.27 19.76
N VAL A 868 -60.23 -20.94 18.75
CA VAL A 868 -60.45 -21.88 17.64
C VAL A 868 -59.19 -21.94 16.78
N PRO A 869 -58.65 -23.15 16.51
CA PRO A 869 -57.32 -23.26 15.88
C PRO A 869 -57.17 -22.54 14.54
N GLY A 870 -56.54 -21.37 14.55
CA GLY A 870 -56.10 -20.69 13.33
C GLY A 870 -56.98 -19.56 12.85
N ARG A 871 -58.21 -19.45 13.36
CA ARG A 871 -59.18 -18.51 12.82
C ARG A 871 -59.55 -17.41 13.80
N LEU A 872 -60.03 -17.77 14.99
CA LEU A 872 -60.52 -16.79 15.95
C LEU A 872 -59.92 -17.04 17.32
N VAL A 873 -59.83 -15.96 18.11
CA VAL A 873 -59.53 -16.02 19.54
C VAL A 873 -60.54 -15.14 20.25
N ASN A 874 -61.09 -15.62 21.35
CA ASN A 874 -62.13 -14.90 22.09
C ASN A 874 -61.67 -14.68 23.53
N ILE A 875 -61.70 -13.43 23.98
CA ILE A 875 -61.33 -13.08 25.35
C ILE A 875 -62.54 -13.31 26.25
N VAL A 876 -62.48 -14.33 27.10
CA VAL A 876 -63.62 -14.71 27.95
C VAL A 876 -63.42 -14.00 29.29
N VAL A 877 -63.72 -12.71 29.29
CA VAL A 877 -63.71 -11.90 30.51
C VAL A 877 -64.63 -10.69 30.34
N OVH B . 7.03 -5.67 -6.23
CA OVH B . 6.55 -4.93 -5.05
C OVH B . 6.50 -5.83 -3.81
O OVH B . 6.28 -5.36 -2.71
CB OVH B . 5.17 -4.34 -5.34
CG OVH B . 5.19 -3.19 -6.34
CD1 OVH B . 3.79 -2.84 -6.79
CD2 OVH B . 5.88 -1.95 -5.75
C1 OVH B . 3.01 -9.53 -0.83
C13 OVH B . 5.01 -10.93 4.80
C14 OVH B . 4.94 -9.78 4.07
C15 OVH B . 6.04 -11.99 4.82
C16 OVH B . 7.38 -11.67 4.62
C17 OVH B . 8.34 -12.66 4.63
C18 OVH B . 7.99 -13.99 4.83
C19 OVH B . 6.65 -14.31 5.02
C2 OVH B . 2.80 -8.32 0.07
C20 OVH B . 5.69 -13.32 5.02
C3 OVH B . 3.32 -7.08 -0.66
C4 OVH B . 2.78 -6.96 -2.09
C5 OVH B . 2.86 -8.27 -2.86
C6 OVH B . 4.20 -8.61 -3.46
C7 OVH B . 3.50 -8.71 1.37
C8 OVH B . 3.62 -7.63 2.45
C9 OVH B . 3.14 -8.02 3.85
N10 OVH B . 3.76 -9.24 4.38
N11 OVH B . 3.10 -9.99 5.28
N12 OVH B . 3.86 -11.03 5.53
N3S OVH B . 6.74 -7.16 -4.02
O1S OVH B . 7.08 -9.54 -3.67
O2S OVH B . 7.46 -8.01 -1.78
O3 OVH B . 2.93 -5.90 0.05
O4 OVH B . 1.42 -6.55 -2.05
O5 OVH B . 2.38 -9.38 -2.10
O6 OVH B . 5.24 -8.54 -2.45
S OVH B . 6.75 -8.36 -2.95
C1 EDO C . 9.74 12.34 -4.39
O1 EDO C . 10.52 11.15 -4.27
C2 EDO C . 8.34 12.13 -3.83
O2 EDO C . 8.41 11.73 -2.46
C1 EDO D . 8.61 15.69 3.14
O1 EDO D . 9.49 16.17 2.11
C2 EDO D . 7.88 14.46 2.59
O2 EDO D . 7.27 14.83 1.35
MG MG E . -17.81 8.91 -8.24
ZN ZN F . 27.39 15.16 -30.27
#